data_3AWD
#
_entry.id   3AWD
#
_cell.length_a   63.273
_cell.length_b   121.416
_cell.length_c   136.546
_cell.angle_alpha   90.00
_cell.angle_beta   90.00
_cell.angle_gamma   90.00
#
_symmetry.space_group_name_H-M   'P 21 21 21'
#
loop_
_entity.id
_entity.type
_entity.pdbx_description
1 polymer 'Putative polyol dehydrogenase'
2 non-polymer 'MAGNESIUM ION'
3 non-polymer 'CADMIUM ION'
4 water water
#
_entity_poly.entity_id   1
_entity_poly.type   'polypeptide(L)'
_entity_poly.pdbx_seq_one_letter_code
;GSHMYMEKLRLDNRVAIVTGGAQNIGLACVTALAEAGARVIIADLDEAMATKAVEDLRMEGHDVSSVVMDVTNTESVQNA
VRSVHEQEGRVDILVACAGICISEVKAEDMTDGQWLKQVDINLNGMFRSCQAVGRIMLEQKQGVIVAIGSMSGLIVNRPQ
QQAAYNASKAGVHQYIRSLAAEWAPHGIRANAVAPTYIETTLTRFGMEKPELYDAWIAGTPMGRVGQPDEVASVVQFLAS
DAASLMTGAIVNVDAGFTVW
;
_entity_poly.pdbx_strand_id   A,B,C,D
#
loop_
_chem_comp.id
_chem_comp.type
_chem_comp.name
_chem_comp.formula
CD non-polymer 'CADMIUM ION' 'Cd 2'
MG non-polymer 'MAGNESIUM ION' 'Mg 2'
#
# COMPACT_ATOMS: atom_id res chain seq x y z
N MET A 4 -28.11 4.77 -19.73
CA MET A 4 -27.72 4.85 -18.28
C MET A 4 -26.23 5.12 -18.16
N TYR A 5 -25.40 4.17 -18.59
CA TYR A 5 -23.97 4.23 -18.31
C TYR A 5 -23.24 5.46 -18.88
N MET A 6 -23.55 5.82 -20.13
CA MET A 6 -22.91 7.00 -20.74
C MET A 6 -23.40 8.30 -20.12
N GLU A 7 -24.66 8.33 -19.69
CA GLU A 7 -25.25 9.50 -19.06
C GLU A 7 -24.56 9.83 -17.71
N LYS A 8 -24.12 8.79 -17.00
CA LYS A 8 -23.45 8.97 -15.72
C LYS A 8 -22.19 9.82 -15.82
N LEU A 9 -21.65 9.90 -17.03
CA LEU A 9 -20.39 10.61 -17.26
C LEU A 9 -20.59 12.12 -17.45
N ARG A 10 -21.85 12.54 -17.62
CA ARG A 10 -22.16 13.95 -17.89
C ARG A 10 -22.14 14.82 -16.62
N LEU A 11 -21.74 16.08 -16.79
CA LEU A 11 -21.69 17.03 -15.69
C LEU A 11 -22.52 18.27 -15.94
N ASP A 12 -23.57 18.13 -16.75
CA ASP A 12 -24.34 19.29 -17.18
C ASP A 12 -24.85 20.14 -16.03
N ASN A 13 -24.52 21.43 -16.08
CA ASN A 13 -25.00 22.46 -15.14
C ASN A 13 -24.31 22.45 -13.77
N ARG A 14 -23.38 21.52 -13.57
CA ARG A 14 -22.64 21.43 -12.31
C ARG A 14 -21.53 22.46 -12.28
N VAL A 15 -21.35 23.08 -11.11
CA VAL A 15 -20.40 24.16 -10.95
C VAL A 15 -19.12 23.59 -10.38
N ALA A 16 -18.01 23.82 -11.08
CA ALA A 16 -16.71 23.31 -10.69
C ALA A 16 -15.70 24.44 -10.51
N ILE A 17 -14.97 24.39 -9.39
CA ILE A 17 -13.81 25.24 -9.20
C ILE A 17 -12.57 24.38 -9.40
N VAL A 18 -11.65 24.85 -10.23
CA VAL A 18 -10.37 24.18 -10.43
C VAL A 18 -9.26 25.11 -9.96
N THR A 19 -8.65 24.79 -8.82
CA THR A 19 -7.47 25.54 -8.37
C THR A 19 -6.25 25.19 -9.25
N GLY A 20 -5.40 26.18 -9.49
CA GLY A 20 -4.30 26.05 -10.45
C GLY A 20 -4.81 25.78 -11.85
N GLY A 21 -6.00 26.27 -12.17
CA GLY A 21 -6.68 25.91 -13.40
C GLY A 21 -6.26 26.63 -14.66
N ALA A 22 -5.33 27.58 -14.56
CA ALA A 22 -5.01 28.45 -15.70
C ALA A 22 -4.07 27.82 -16.73
N GLN A 23 -3.35 26.77 -16.33
CA GLN A 23 -2.42 26.10 -17.24
C GLN A 23 -2.22 24.62 -16.90
N ASN A 24 -1.50 23.93 -17.79
CA ASN A 24 -1.00 22.58 -17.57
C ASN A 24 -2.09 21.59 -17.14
N ILE A 25 -1.88 20.84 -16.07
CA ILE A 25 -2.86 19.82 -15.67
C ILE A 25 -4.20 20.47 -15.33
N GLY A 26 -4.15 21.56 -14.57
CA GLY A 26 -5.36 22.32 -14.22
C GLY A 26 -6.19 22.71 -15.41
N LEU A 27 -5.54 23.31 -16.41
CA LEU A 27 -6.26 23.73 -17.61
C LEU A 27 -6.88 22.55 -18.38
N ALA A 28 -6.15 21.43 -18.42
CA ALA A 28 -6.69 20.21 -19.02
C ALA A 28 -7.93 19.75 -18.25
N CYS A 29 -7.88 19.80 -16.92
CA CYS A 29 -9.03 19.42 -16.10
C CYS A 29 -10.20 20.35 -16.36
N VAL A 30 -9.93 21.64 -16.41
CA VAL A 30 -10.97 22.64 -16.77
C VAL A 30 -11.63 22.27 -18.09
N THR A 31 -10.82 21.98 -19.11
CA THR A 31 -11.31 21.65 -20.44
C THR A 31 -12.18 20.37 -20.42
N ALA A 32 -11.68 19.32 -19.77
CA ALA A 32 -12.42 18.07 -19.63
C ALA A 32 -13.79 18.26 -18.95
N LEU A 33 -13.79 18.97 -17.83
CA LEU A 33 -15.05 19.23 -17.10
C LEU A 33 -16.03 20.00 -17.98
N ALA A 34 -15.52 21.05 -18.63
CA ALA A 34 -16.34 21.87 -19.53
C ALA A 34 -16.92 21.05 -20.68
N GLU A 35 -16.12 20.16 -21.26
CA GLU A 35 -16.59 19.29 -22.34
C GLU A 35 -17.67 18.32 -21.89
N ALA A 36 -17.62 17.96 -20.61
CA ALA A 36 -18.65 17.11 -20.00
C ALA A 36 -19.92 17.88 -19.61
N GLY A 37 -19.91 19.19 -19.83
CA GLY A 37 -21.10 20.04 -19.61
C GLY A 37 -21.07 20.94 -18.38
N ALA A 38 -19.98 20.89 -17.62
CA ALA A 38 -19.87 21.66 -16.38
C ALA A 38 -19.64 23.16 -16.60
N ARG A 39 -20.14 23.94 -15.64
CA ARG A 39 -19.81 25.36 -15.53
C ARG A 39 -18.53 25.46 -14.70
N VAL A 40 -17.45 25.90 -15.33
CA VAL A 40 -16.14 25.84 -14.68
C VAL A 40 -15.56 27.20 -14.36
N ILE A 41 -15.06 27.34 -13.14
CA ILE A 41 -14.34 28.53 -12.70
C ILE A 41 -12.88 28.20 -12.45
N ILE A 42 -12.00 28.84 -13.22
CA ILE A 42 -10.57 28.75 -13.01
C ILE A 42 -10.17 29.59 -11.80
N ALA A 43 -9.62 28.93 -10.77
CA ALA A 43 -9.11 29.64 -9.59
C ALA A 43 -7.59 29.56 -9.59
N ASP A 44 -6.94 30.70 -9.77
CA ASP A 44 -5.51 30.72 -10.01
C ASP A 44 -4.88 32.02 -9.50
N LEU A 45 -3.58 31.95 -9.19
CA LEU A 45 -2.83 33.10 -8.67
C LEU A 45 -2.62 34.14 -9.77
N ASP A 46 -2.42 33.66 -10.99
CA ASP A 46 -2.22 34.50 -12.16
C ASP A 46 -3.55 34.95 -12.77
N GLU A 47 -3.88 36.22 -12.53
CA GLU A 47 -5.12 36.80 -13.04
C GLU A 47 -5.12 36.84 -14.57
N ALA A 48 -3.98 37.22 -15.15
CA ALA A 48 -3.82 37.34 -16.61
C ALA A 48 -4.00 36.01 -17.33
N MET A 49 -3.25 34.99 -16.90
CA MET A 49 -3.34 33.63 -17.46
C MET A 49 -4.77 33.12 -17.45
N ALA A 50 -5.41 33.20 -16.29
CA ALA A 50 -6.78 32.74 -16.12
C ALA A 50 -7.71 33.43 -17.11
N THR A 51 -7.65 34.76 -17.17
CA THR A 51 -8.49 35.53 -18.07
C THR A 51 -8.28 35.13 -19.55
N LYS A 52 -7.03 34.95 -19.95
CA LYS A 52 -6.68 34.46 -21.28
C LYS A 52 -7.26 33.06 -21.58
N ALA A 53 -7.11 32.15 -20.62
CA ALA A 53 -7.63 30.79 -20.74
C ALA A 53 -9.14 30.80 -20.92
N VAL A 54 -9.81 31.67 -20.15
CA VAL A 54 -11.26 31.85 -20.21
C VAL A 54 -11.70 32.24 -21.62
N GLU A 55 -10.92 33.09 -22.27
CA GLU A 55 -11.22 33.56 -23.62
C GLU A 55 -11.12 32.43 -24.66
N ASP A 56 -10.03 31.66 -24.58
CA ASP A 56 -9.83 30.48 -25.43
C ASP A 56 -10.96 29.45 -25.30
N LEU A 57 -11.39 29.21 -24.06
CA LEU A 57 -12.44 28.22 -23.79
C LEU A 57 -13.84 28.69 -24.20
N ARG A 58 -14.15 29.97 -23.96
CA ARG A 58 -15.41 30.56 -24.44
C ARG A 58 -15.46 30.55 -25.97
N MET A 59 -14.28 30.69 -26.59
CA MET A 59 -14.09 30.60 -28.02
C MET A 59 -14.54 29.24 -28.58
N GLU A 60 -14.39 28.20 -27.78
CA GLU A 60 -14.84 26.86 -28.16
C GLU A 60 -16.26 26.58 -27.66
N GLY A 61 -16.88 27.58 -27.06
CA GLY A 61 -18.27 27.48 -26.65
C GLY A 61 -18.49 26.99 -25.24
N HIS A 62 -17.45 27.07 -24.40
CA HIS A 62 -17.56 26.59 -23.03
C HIS A 62 -17.99 27.68 -22.05
N ASP A 63 -18.79 27.28 -21.07
CA ASP A 63 -19.23 28.16 -19.99
C ASP A 63 -18.14 28.24 -18.92
N VAL A 64 -17.13 29.08 -19.16
CA VAL A 64 -15.94 29.16 -18.28
C VAL A 64 -15.73 30.57 -17.72
N SER A 65 -15.46 30.66 -16.43
CA SER A 65 -15.13 31.92 -15.78
C SER A 65 -13.85 31.80 -14.91
N SER A 66 -13.47 32.91 -14.28
CA SER A 66 -12.21 32.99 -13.53
C SER A 66 -12.33 33.76 -12.23
N VAL A 67 -11.51 33.39 -11.24
CA VAL A 67 -11.34 34.16 -10.00
C VAL A 67 -9.88 34.07 -9.57
N VAL A 68 -9.37 35.15 -8.97
CA VAL A 68 -8.01 35.16 -8.42
C VAL A 68 -8.00 34.44 -7.08
N MET A 69 -7.08 33.48 -6.93
CA MET A 69 -6.92 32.79 -5.65
C MET A 69 -5.45 32.51 -5.34
N ASP A 70 -5.07 32.77 -4.10
CA ASP A 70 -3.73 32.45 -3.62
C ASP A 70 -3.86 31.40 -2.51
N VAL A 71 -3.43 30.18 -2.81
CA VAL A 71 -3.58 29.05 -1.87
C VAL A 71 -2.71 29.12 -0.62
N THR A 72 -1.76 30.06 -0.59
CA THR A 72 -0.98 30.30 0.62
C THR A 72 -1.70 31.26 1.57
N ASN A 73 -2.81 31.84 1.11
CA ASN A 73 -3.51 32.86 1.88
C ASN A 73 -4.95 32.47 2.12
N THR A 74 -5.27 32.16 3.37
CA THR A 74 -6.61 31.73 3.77
C THR A 74 -7.70 32.74 3.32
N GLU A 75 -7.47 34.02 3.59
CA GLU A 75 -8.39 35.09 3.16
C GLU A 75 -8.62 35.10 1.65
N SER A 76 -7.55 34.95 0.86
CA SER A 76 -7.68 34.87 -0.60
C SER A 76 -8.56 33.69 -1.04
N VAL A 77 -8.31 32.52 -0.44
CA VAL A 77 -9.06 31.32 -0.77
C VAL A 77 -10.54 31.47 -0.41
N GLN A 78 -10.80 31.95 0.80
CA GLN A 78 -12.18 32.10 1.27
C GLN A 78 -12.95 33.16 0.49
N ASN A 79 -12.29 34.26 0.13
CA ASN A 79 -12.91 35.30 -0.70
C ASN A 79 -13.22 34.79 -2.10
N ALA A 80 -12.30 34.00 -2.66
CA ALA A 80 -12.44 33.46 -4.00
C ALA A 80 -13.60 32.46 -4.03
N VAL A 81 -13.64 31.54 -3.06
CA VAL A 81 -14.73 30.57 -2.94
C VAL A 81 -16.10 31.23 -2.67
N ARG A 82 -16.16 32.18 -1.73
CA ARG A 82 -17.41 32.89 -1.44
C ARG A 82 -18.00 33.56 -2.68
N SER A 83 -17.16 34.22 -3.48
CA SER A 83 -17.65 34.93 -4.67
C SER A 83 -18.12 34.01 -5.79
N VAL A 84 -17.54 32.80 -5.84
CA VAL A 84 -18.05 31.81 -6.77
C VAL A 84 -19.42 31.35 -6.28
N HIS A 85 -19.54 31.10 -4.98
CA HIS A 85 -20.78 30.63 -4.37
C HIS A 85 -21.88 31.68 -4.61
N GLU A 86 -21.51 32.95 -4.40
CA GLU A 86 -22.36 34.13 -4.67
C GLU A 86 -22.91 34.15 -6.11
N GLN A 87 -22.02 34.03 -7.09
CA GLN A 87 -22.42 34.19 -8.50
C GLN A 87 -23.10 32.95 -9.08
N GLU A 88 -22.66 31.78 -8.61
CA GLU A 88 -23.12 30.51 -9.18
C GLU A 88 -24.23 29.82 -8.37
N GLY A 89 -24.33 30.17 -7.09
CA GLY A 89 -25.38 29.64 -6.21
C GLY A 89 -25.07 28.28 -5.59
N ARG A 90 -24.03 27.63 -6.09
CA ARG A 90 -23.72 26.26 -5.73
C ARG A 90 -22.24 26.02 -6.04
N VAL A 91 -21.60 25.10 -5.31
CA VAL A 91 -20.32 24.53 -5.77
C VAL A 91 -20.42 22.99 -5.68
N ASP A 92 -20.40 22.33 -6.84
CA ASP A 92 -20.63 20.89 -6.90
C ASP A 92 -19.35 20.10 -6.94
N ILE A 93 -18.31 20.72 -7.50
CA ILE A 93 -17.04 20.06 -7.77
C ILE A 93 -15.87 20.98 -7.43
N LEU A 94 -14.86 20.41 -6.78
CA LEU A 94 -13.57 21.06 -6.63
C LEU A 94 -12.50 20.13 -7.22
N VAL A 95 -11.69 20.64 -8.12
CA VAL A 95 -10.47 19.94 -8.53
C VAL A 95 -9.31 20.81 -8.04
N ALA A 96 -8.52 20.27 -7.11
CA ALA A 96 -7.42 21.01 -6.50
C ALA A 96 -6.07 20.65 -7.14
N CYS A 97 -5.59 21.53 -8.01
CA CYS A 97 -4.34 21.28 -8.75
C CYS A 97 -3.19 22.17 -8.30
N ALA A 98 -3.50 23.23 -7.55
CA ALA A 98 -2.49 24.20 -7.14
C ALA A 98 -1.35 23.49 -6.44
N GLY A 99 -0.13 23.76 -6.89
CA GLY A 99 1.03 23.06 -6.36
C GLY A 99 2.31 23.53 -7.03
N ILE A 100 3.43 23.27 -6.37
CA ILE A 100 4.75 23.50 -6.93
C ILE A 100 5.67 22.35 -6.59
N CYS A 101 6.74 22.24 -7.34
CA CYS A 101 7.73 21.21 -7.07
C CYS A 101 9.10 21.88 -7.04
N ILE A 102 9.73 21.89 -5.87
CA ILE A 102 11.10 22.41 -5.77
C ILE A 102 12.01 21.19 -5.79
N SER A 103 12.75 21.03 -6.88
CA SER A 103 13.44 19.75 -7.11
C SER A 103 14.94 19.94 -7.31
N GLU A 104 15.65 18.81 -7.28
CA GLU A 104 17.12 18.77 -7.37
C GLU A 104 17.73 19.52 -6.18
N VAL A 105 17.10 19.37 -5.02
CA VAL A 105 17.56 20.02 -3.79
C VAL A 105 17.75 18.92 -2.74
N LYS A 106 19.00 18.62 -2.42
CA LYS A 106 19.32 17.50 -1.51
C LYS A 106 18.72 17.68 -0.12
N ALA A 107 18.35 16.58 0.52
CA ALA A 107 17.73 16.65 1.85
C ALA A 107 18.61 17.38 2.86
N GLU A 108 19.92 17.19 2.76
CA GLU A 108 20.85 17.82 3.69
C GLU A 108 21.09 19.31 3.39
N ASP A 109 20.67 19.75 2.20
CA ASP A 109 20.87 21.13 1.72
C ASP A 109 19.65 22.03 1.80
N MET A 110 18.45 21.44 1.76
CA MET A 110 17.21 22.21 1.64
C MET A 110 17.07 23.22 2.78
N THR A 111 16.67 24.44 2.43
CA THR A 111 16.54 25.51 3.42
C THR A 111 15.16 25.41 4.06
N ASP A 112 14.99 26.02 5.23
CA ASP A 112 13.65 26.10 5.84
C ASP A 112 12.66 26.74 4.87
N GLY A 113 13.10 27.79 4.18
CA GLY A 113 12.23 28.55 3.27
C GLY A 113 11.72 27.67 2.15
N GLN A 114 12.62 26.86 1.58
CA GLN A 114 12.25 25.92 0.51
C GLN A 114 11.28 24.87 1.03
N TRP A 115 11.57 24.35 2.23
CA TRP A 115 10.73 23.34 2.86
C TRP A 115 9.31 23.88 3.11
N LEU A 116 9.25 25.03 3.78
CA LEU A 116 7.99 25.63 4.19
C LEU A 116 7.12 26.05 3.02
N LYS A 117 7.75 26.62 1.99
CA LYS A 117 7.02 27.04 0.78
C LYS A 117 6.35 25.85 0.13
N GLN A 118 7.12 24.77 -0.01
CA GLN A 118 6.65 23.55 -0.64
C GLN A 118 5.44 22.97 0.10
N VAL A 119 5.57 22.84 1.41
CA VAL A 119 4.49 22.34 2.26
C VAL A 119 3.30 23.32 2.31
N ASP A 120 3.59 24.61 2.34
CA ASP A 120 2.53 25.61 2.41
C ASP A 120 1.60 25.59 1.19
N ILE A 121 2.17 25.54 -0.01
CA ILE A 121 1.36 25.56 -1.24
C ILE A 121 0.66 24.21 -1.46
N ASN A 122 1.41 23.14 -1.34
CA ASN A 122 0.92 21.81 -1.71
C ASN A 122 -0.03 21.25 -0.68
N LEU A 123 0.34 21.36 0.59
CA LEU A 123 -0.44 20.72 1.65
C LEU A 123 -1.32 21.71 2.40
N ASN A 124 -0.74 22.78 2.93
CA ASN A 124 -1.59 23.79 3.59
C ASN A 124 -2.65 24.37 2.64
N GLY A 125 -2.25 24.62 1.39
CA GLY A 125 -3.16 25.10 0.35
C GLY A 125 -4.29 24.12 0.05
N MET A 126 -4.02 22.82 0.21
CA MET A 126 -5.04 21.79 0.00
C MET A 126 -6.10 21.89 1.11
N PHE A 127 -5.62 21.97 2.35
CA PHE A 127 -6.46 22.27 3.51
C PHE A 127 -7.35 23.49 3.31
N ARG A 128 -6.76 24.62 2.92
CA ARG A 128 -7.51 25.87 2.78
C ARG A 128 -8.60 25.70 1.72
N SER A 129 -8.23 25.12 0.58
CA SER A 129 -9.11 24.91 -0.56
C SER A 129 -10.27 23.99 -0.22
N CYS A 130 -9.93 22.80 0.28
CA CYS A 130 -10.94 21.79 0.58
C CYS A 130 -11.84 22.23 1.73
N GLN A 131 -11.29 22.91 2.73
CA GLN A 131 -12.12 23.39 3.83
C GLN A 131 -13.17 24.40 3.36
N ALA A 132 -12.73 25.39 2.58
CA ALA A 132 -13.63 26.44 2.09
C ALA A 132 -14.76 25.86 1.23
N VAL A 133 -14.42 24.96 0.31
CA VAL A 133 -15.43 24.38 -0.58
C VAL A 133 -16.25 23.35 0.19
N GLY A 134 -15.56 22.59 1.03
CA GLY A 134 -16.21 21.52 1.82
C GLY A 134 -17.36 22.04 2.67
N ARG A 135 -17.22 23.24 3.21
CA ARG A 135 -18.26 23.80 4.06
C ARG A 135 -19.55 23.99 3.26
N ILE A 136 -19.38 24.42 2.01
CA ILE A 136 -20.52 24.59 1.10
C ILE A 136 -21.14 23.25 0.69
N MET A 137 -20.29 22.26 0.39
CA MET A 137 -20.78 20.95 0.02
C MET A 137 -21.54 20.30 1.16
N LEU A 138 -21.09 20.52 2.40
CA LEU A 138 -21.75 19.98 3.58
C LEU A 138 -23.18 20.52 3.71
N GLU A 139 -23.35 21.79 3.45
CA GLU A 139 -24.72 22.32 3.50
C GLU A 139 -25.61 21.81 2.36
N GLN A 140 -25.01 21.55 1.20
CA GLN A 140 -25.73 20.92 0.08
C GLN A 140 -26.03 19.46 0.33
N LYS A 141 -25.30 18.89 1.30
CA LYS A 141 -25.23 17.43 1.45
C LYS A 141 -24.93 16.76 0.09
N GLN A 142 -24.10 17.42 -0.70
CA GLN A 142 -23.71 16.89 -2.01
C GLN A 142 -22.43 17.58 -2.49
N GLY A 143 -21.49 16.80 -3.02
CA GLY A 143 -20.29 17.40 -3.59
C GLY A 143 -19.22 16.37 -3.88
N VAL A 144 -18.25 16.76 -4.70
CA VAL A 144 -17.13 15.88 -5.03
C VAL A 144 -15.83 16.70 -5.13
N ILE A 145 -14.78 16.17 -4.52
CA ILE A 145 -13.46 16.75 -4.58
C ILE A 145 -12.53 15.76 -5.29
N VAL A 146 -11.72 16.25 -6.22
CA VAL A 146 -10.57 15.50 -6.78
C VAL A 146 -9.32 16.32 -6.53
N ALA A 147 -8.33 15.72 -5.86
CA ALA A 147 -7.04 16.38 -5.66
C ALA A 147 -6.04 15.83 -6.65
N ILE A 148 -5.13 16.69 -7.10
CA ILE A 148 -3.98 16.25 -7.86
C ILE A 148 -2.91 15.90 -6.84
N GLY A 149 -2.76 14.61 -6.59
CA GLY A 149 -1.66 14.10 -5.77
C GLY A 149 -0.46 13.88 -6.67
N SER A 150 0.28 12.82 -6.41
CA SER A 150 1.46 12.46 -7.18
C SER A 150 1.91 11.07 -6.82
N MET A 151 2.49 10.36 -7.79
CA MET A 151 3.18 9.12 -7.44
C MET A 151 4.29 9.39 -6.41
N SER A 152 4.75 10.64 -6.33
CA SER A 152 5.74 11.05 -5.31
C SER A 152 5.25 10.89 -3.87
N GLY A 153 3.95 10.77 -3.68
CA GLY A 153 3.37 10.49 -2.36
C GLY A 153 3.56 9.04 -1.92
N LEU A 154 3.83 8.18 -2.91
CA LEU A 154 3.96 6.72 -2.71
C LEU A 154 5.39 6.22 -2.91
N ILE A 155 6.05 6.71 -3.96
CA ILE A 155 7.43 6.30 -4.21
C ILE A 155 8.33 7.54 -4.22
N VAL A 156 9.64 7.34 -4.21
CA VAL A 156 10.58 8.44 -4.20
C VAL A 156 11.24 8.55 -5.57
N ASN A 157 11.07 9.71 -6.21
CA ASN A 157 11.65 9.98 -7.54
C ASN A 157 13.17 9.87 -7.56
N ARG A 158 13.70 9.52 -8.72
CA ARG A 158 15.14 9.45 -8.93
C ARG A 158 15.52 9.99 -10.30
N PRO A 159 16.70 10.63 -10.40
CA PRO A 159 17.66 10.93 -9.33
C PRO A 159 17.40 12.26 -8.59
N GLN A 160 16.44 13.05 -9.07
CA GLN A 160 16.17 14.36 -8.51
C GLN A 160 15.64 14.31 -7.08
N GLN A 161 16.27 15.10 -6.21
CA GLN A 161 15.97 15.14 -4.78
C GLN A 161 14.88 16.17 -4.51
N GLN A 162 13.86 15.76 -3.77
CA GLN A 162 12.71 16.65 -3.53
C GLN A 162 11.88 16.13 -2.36
N ALA A 163 12.52 15.94 -1.21
CA ALA A 163 11.85 15.26 -0.10
C ALA A 163 10.62 16.02 0.41
N ALA A 164 10.68 17.35 0.40
CA ALA A 164 9.51 18.18 0.79
C ALA A 164 8.30 17.96 -0.14
N TYR A 165 8.56 17.92 -1.44
CA TYR A 165 7.49 17.63 -2.40
C TYR A 165 6.85 16.28 -2.10
N ASN A 166 7.69 15.27 -1.95
CA ASN A 166 7.23 13.91 -1.75
C ASN A 166 6.39 13.83 -0.48
N ALA A 167 6.91 14.41 0.60
CA ALA A 167 6.18 14.44 1.87
C ALA A 167 4.86 15.21 1.76
N SER A 168 4.89 16.35 1.05
CA SER A 168 3.68 17.17 0.90
C SER A 168 2.58 16.40 0.17
N LYS A 169 2.94 15.63 -0.84
CA LYS A 169 1.95 14.90 -1.62
C LYS A 169 1.40 13.70 -0.87
N ALA A 170 2.25 13.04 -0.06
CA ALA A 170 1.73 11.97 0.80
C ALA A 170 0.71 12.57 1.78
N GLY A 171 1.02 13.75 2.31
CA GLY A 171 0.12 14.52 3.18
C GLY A 171 -1.20 14.80 2.48
N VAL A 172 -1.11 15.27 1.24
CA VAL A 172 -2.32 15.52 0.44
C VAL A 172 -3.18 14.24 0.31
N HIS A 173 -2.54 13.12 -0.02
CA HIS A 173 -3.30 11.84 -0.16
C HIS A 173 -4.07 11.50 1.12
N GLN A 174 -3.39 11.51 2.25
CA GLN A 174 -4.00 11.10 3.50
C GLN A 174 -4.98 12.16 4.03
N TYR A 175 -4.72 13.43 3.73
CA TYR A 175 -5.69 14.49 4.03
C TYR A 175 -7.00 14.22 3.28
N ILE A 176 -6.90 13.95 1.97
CA ILE A 176 -8.07 13.66 1.13
C ILE A 176 -8.84 12.45 1.65
N ARG A 177 -8.10 11.42 2.07
CA ARG A 177 -8.72 10.21 2.63
C ARG A 177 -9.46 10.53 3.94
N SER A 178 -8.89 11.41 4.76
CA SER A 178 -9.54 11.83 6.00
C SER A 178 -10.87 12.53 5.70
N LEU A 179 -10.86 13.42 4.70
CA LEU A 179 -12.09 14.11 4.29
C LEU A 179 -13.11 13.10 3.77
N ALA A 180 -12.63 12.12 3.00
CA ALA A 180 -13.51 11.10 2.43
C ALA A 180 -14.25 10.38 3.57
N ALA A 181 -13.49 9.97 4.59
CA ALA A 181 -14.06 9.28 5.74
C ALA A 181 -15.06 10.17 6.50
N GLU A 182 -14.64 11.38 6.81
CA GLU A 182 -15.48 12.30 7.61
C GLU A 182 -16.76 12.69 6.88
N TRP A 183 -16.66 12.87 5.57
CA TRP A 183 -17.77 13.46 4.82
C TRP A 183 -18.60 12.46 4.01
N ALA A 184 -18.19 11.18 3.99
CA ALA A 184 -18.96 10.12 3.29
C ALA A 184 -20.45 10.07 3.65
N PRO A 185 -20.82 10.15 4.95
CA PRO A 185 -22.28 10.08 5.25
C PRO A 185 -23.06 11.34 4.85
N HIS A 186 -22.36 12.35 4.34
CA HIS A 186 -22.99 13.63 4.00
C HIS A 186 -23.04 13.93 2.51
N GLY A 187 -22.98 12.88 1.68
CA GLY A 187 -23.19 13.02 0.24
C GLY A 187 -21.98 13.54 -0.52
N ILE A 188 -20.82 13.55 0.14
CA ILE A 188 -19.61 14.05 -0.47
C ILE A 188 -18.65 12.90 -0.74
N ARG A 189 -17.99 12.93 -1.91
CA ARG A 189 -16.89 12.02 -2.22
C ARG A 189 -15.60 12.83 -2.40
N ALA A 190 -14.48 12.21 -2.05
CA ALA A 190 -13.18 12.86 -2.22
C ALA A 190 -12.16 11.79 -2.61
N ASN A 191 -11.48 12.01 -3.73
CA ASN A 191 -10.44 11.10 -4.21
C ASN A 191 -9.24 11.90 -4.71
N ALA A 192 -8.12 11.24 -4.93
CA ALA A 192 -6.95 11.90 -5.52
C ALA A 192 -6.41 11.05 -6.66
N VAL A 193 -5.84 11.71 -7.66
CA VAL A 193 -5.03 10.99 -8.66
C VAL A 193 -3.55 11.13 -8.31
N ALA A 194 -2.79 10.08 -8.59
CA ALA A 194 -1.36 10.09 -8.34
C ALA A 194 -0.64 9.84 -9.68
N PRO A 195 -0.37 10.91 -10.45
CA PRO A 195 0.25 10.73 -11.76
C PRO A 195 1.74 10.53 -11.73
N THR A 196 2.25 9.96 -12.83
CA THR A 196 3.67 10.00 -13.15
C THR A 196 4.04 11.39 -13.70
N TYR A 197 5.26 11.50 -14.23
CA TYR A 197 5.70 12.69 -14.94
C TYR A 197 4.74 13.06 -16.06
N ILE A 198 4.31 14.32 -16.04
CA ILE A 198 3.45 14.85 -17.08
C ILE A 198 4.15 16.00 -17.79
N GLU A 199 4.19 15.93 -19.13
CA GLU A 199 4.79 17.01 -19.90
C GLU A 199 4.01 18.30 -19.69
N THR A 200 4.63 19.25 -19.01
CA THR A 200 4.05 20.56 -18.72
C THR A 200 5.14 21.58 -18.96
N THR A 201 4.76 22.87 -19.01
CA THR A 201 5.74 23.94 -19.22
C THR A 201 6.91 23.86 -18.21
N LEU A 202 6.60 23.38 -17.01
CA LEU A 202 7.58 23.28 -15.94
C LEU A 202 8.43 22.00 -15.95
N THR A 203 7.80 20.84 -16.15
CA THR A 203 8.54 19.57 -16.20
C THR A 203 9.46 19.44 -17.42
N ARG A 204 9.15 20.19 -18.49
CA ARG A 204 9.97 20.19 -19.72
C ARG A 204 11.45 20.55 -19.49
N PHE A 205 11.72 21.29 -18.42
CA PHE A 205 13.09 21.58 -18.01
C PHE A 205 13.78 20.31 -17.49
N GLY A 206 13.04 19.48 -16.75
CA GLY A 206 13.52 18.14 -16.39
C GLY A 206 13.64 17.24 -17.61
N MET A 207 12.64 17.32 -18.48
CA MET A 207 12.60 16.51 -19.71
C MET A 207 13.77 16.79 -20.65
N GLU A 208 14.28 18.02 -20.63
CA GLU A 208 15.40 18.42 -21.49
C GLU A 208 16.76 18.14 -20.88
N LYS A 209 16.77 17.60 -19.66
CA LYS A 209 18.01 17.21 -19.01
C LYS A 209 18.13 15.68 -19.04
N PRO A 210 18.97 15.16 -19.95
CA PRO A 210 19.12 13.72 -20.18
C PRO A 210 19.35 12.84 -18.93
N GLU A 211 20.09 13.35 -17.95
CA GLU A 211 20.31 12.61 -16.70
C GLU A 211 18.99 12.35 -15.97
N LEU A 212 18.07 13.30 -16.06
CA LEU A 212 16.73 13.15 -15.47
C LEU A 212 15.80 12.37 -16.39
N TYR A 213 15.61 12.86 -17.61
CA TYR A 213 14.65 12.27 -18.54
C TYR A 213 14.92 10.80 -18.80
N ASP A 214 16.18 10.44 -19.03
CA ASP A 214 16.52 9.04 -19.30
C ASP A 214 16.21 8.12 -18.13
N ALA A 215 16.42 8.60 -16.91
CA ALA A 215 16.06 7.83 -15.72
C ALA A 215 14.54 7.64 -15.62
N TRP A 216 13.80 8.71 -15.90
CA TRP A 216 12.32 8.65 -15.84
C TRP A 216 11.78 7.64 -16.84
N ILE A 217 12.22 7.74 -18.09
CA ILE A 217 11.80 6.79 -19.13
C ILE A 217 12.21 5.35 -18.82
N ALA A 218 13.45 5.15 -18.37
CA ALA A 218 13.93 3.83 -17.99
C ALA A 218 13.15 3.21 -16.82
N GLY A 219 12.63 4.06 -15.94
CA GLY A 219 11.82 3.58 -14.82
C GLY A 219 10.34 3.43 -15.11
N THR A 220 9.91 3.67 -16.35
CA THR A 220 8.49 3.60 -16.72
C THR A 220 8.18 2.45 -17.69
N PRO A 221 7.32 1.50 -17.28
CA PRO A 221 6.98 0.39 -18.17
C PRO A 221 6.51 0.83 -19.57
N MET A 222 5.66 1.86 -19.65
CA MET A 222 5.21 2.37 -20.97
C MET A 222 6.30 3.16 -21.71
N GLY A 223 7.39 3.49 -21.04
CA GLY A 223 8.55 4.11 -21.71
C GLY A 223 8.29 5.53 -22.20
N ARG A 224 7.43 6.25 -21.46
CA ARG A 224 7.06 7.62 -21.82
C ARG A 224 6.54 8.39 -20.62
N VAL A 225 6.58 9.71 -20.71
CA VAL A 225 5.84 10.56 -19.77
C VAL A 225 4.39 10.63 -20.24
N GLY A 226 3.50 11.09 -19.35
CA GLY A 226 2.10 11.29 -19.70
C GLY A 226 1.89 12.70 -20.22
N GLN A 227 0.71 12.92 -20.78
CA GLN A 227 0.28 14.24 -21.24
C GLN A 227 -0.85 14.72 -20.34
N PRO A 228 -1.03 16.06 -20.22
CA PRO A 228 -2.05 16.54 -19.28
C PRO A 228 -3.47 16.01 -19.52
N ASP A 229 -3.87 15.83 -20.79
CA ASP A 229 -5.21 15.32 -21.09
C ASP A 229 -5.45 13.92 -20.49
N GLU A 230 -4.38 13.17 -20.28
CA GLU A 230 -4.49 11.82 -19.71
C GLU A 230 -4.80 11.84 -18.22
N VAL A 231 -4.36 12.88 -17.53
CA VAL A 231 -4.70 13.05 -16.11
C VAL A 231 -6.10 13.64 -16.02
N ALA A 232 -6.41 14.60 -16.89
CA ALA A 232 -7.71 15.24 -16.90
C ALA A 232 -8.87 14.25 -17.14
N SER A 233 -8.65 13.26 -18.00
CA SER A 233 -9.69 12.25 -18.25
C SER A 233 -10.04 11.50 -16.95
N VAL A 234 -9.03 11.18 -16.15
CA VAL A 234 -9.27 10.44 -14.91
C VAL A 234 -9.99 11.34 -13.90
N VAL A 235 -9.54 12.59 -13.84
CA VAL A 235 -10.14 13.59 -12.95
C VAL A 235 -11.62 13.80 -13.28
N GLN A 236 -11.94 13.97 -14.57
CA GLN A 236 -13.33 14.14 -15.02
C GLN A 236 -14.17 12.93 -14.63
N PHE A 237 -13.64 11.73 -14.84
CA PHE A 237 -14.34 10.52 -14.41
C PHE A 237 -14.67 10.52 -12.91
N LEU A 238 -13.65 10.83 -12.10
CA LEU A 238 -13.81 10.83 -10.64
C LEU A 238 -14.78 11.88 -10.13
N ALA A 239 -14.96 12.95 -10.91
CA ALA A 239 -15.88 14.03 -10.60
C ALA A 239 -17.32 13.68 -10.95
N SER A 240 -17.52 12.62 -11.71
CA SER A 240 -18.83 12.29 -12.29
C SER A 240 -19.52 11.21 -11.47
N ASP A 241 -20.83 11.05 -11.68
CA ASP A 241 -21.60 10.00 -11.02
C ASP A 241 -21.16 8.58 -11.41
N ALA A 242 -20.39 8.45 -12.50
CA ALA A 242 -19.87 7.15 -12.87
C ALA A 242 -19.00 6.61 -11.74
N ALA A 243 -18.39 7.54 -11.01
CA ALA A 243 -17.52 7.21 -9.88
C ALA A 243 -18.24 7.20 -8.52
N SER A 244 -19.55 6.95 -8.54
CA SER A 244 -20.39 7.03 -7.33
C SER A 244 -19.93 6.15 -6.17
N LEU A 245 -19.27 5.03 -6.44
CA LEU A 245 -18.85 4.13 -5.35
C LEU A 245 -17.41 4.42 -4.88
N MET A 246 -16.76 5.39 -5.53
CA MET A 246 -15.36 5.67 -5.21
C MET A 246 -15.19 6.85 -4.26
N THR A 247 -14.69 6.57 -3.06
CA THR A 247 -14.24 7.64 -2.19
C THR A 247 -13.01 7.23 -1.39
N GLY A 248 -12.13 8.20 -1.14
CA GLY A 248 -10.87 7.92 -0.44
C GLY A 248 -9.85 7.14 -1.25
N ALA A 249 -10.06 7.00 -2.56
CA ALA A 249 -9.15 6.28 -3.44
C ALA A 249 -8.00 7.18 -3.89
N ILE A 250 -6.79 6.63 -3.81
CA ILE A 250 -5.60 7.21 -4.43
C ILE A 250 -5.42 6.42 -5.73
N VAL A 251 -5.82 7.08 -6.82
CA VAL A 251 -5.88 6.43 -8.12
C VAL A 251 -4.55 6.63 -8.84
N ASN A 252 -3.87 5.52 -9.10
CA ASN A 252 -2.57 5.60 -9.78
C ASN A 252 -2.73 5.85 -11.28
N VAL A 253 -2.10 6.91 -11.78
CA VAL A 253 -2.20 7.27 -13.20
C VAL A 253 -0.76 7.49 -13.68
N ASP A 254 -0.02 6.40 -13.76
CA ASP A 254 1.43 6.55 -13.76
C ASP A 254 2.20 5.70 -14.77
N ALA A 255 1.50 5.22 -15.80
CA ALA A 255 2.14 4.45 -16.90
C ALA A 255 2.90 3.23 -16.38
N GLY A 256 2.52 2.78 -15.19
CA GLY A 256 3.11 1.61 -14.55
C GLY A 256 4.31 1.91 -13.69
N PHE A 257 4.65 3.19 -13.52
CA PHE A 257 5.89 3.54 -12.80
C PHE A 257 5.99 2.87 -11.41
N THR A 258 4.88 2.85 -10.68
CA THR A 258 4.82 2.30 -9.32
C THR A 258 4.72 0.77 -9.29
N VAL A 259 4.65 0.16 -10.47
CA VAL A 259 4.52 -1.30 -10.55
C VAL A 259 5.90 -1.94 -10.36
N TRP A 260 6.91 -1.30 -10.91
CA TRP A 260 8.29 -1.77 -10.79
C TRP A 260 8.89 -1.39 -9.43
N MET B 4 14.55 -6.01 30.88
CA MET B 4 13.30 -6.52 30.24
C MET B 4 13.40 -6.53 28.71
N TYR B 5 13.91 -5.45 28.11
CA TYR B 5 13.86 -5.34 26.64
C TYR B 5 14.67 -6.43 25.95
N MET B 6 15.88 -6.67 26.44
CA MET B 6 16.73 -7.67 25.79
C MET B 6 16.17 -9.09 25.99
N GLU B 7 15.57 -9.33 27.15
CA GLU B 7 14.98 -10.64 27.46
C GLU B 7 13.82 -11.00 26.51
N LYS B 8 13.13 -9.99 25.98
CA LYS B 8 12.00 -10.24 25.07
C LYS B 8 12.42 -10.93 23.78
N LEU B 9 13.70 -10.83 23.46
CA LEU B 9 14.23 -11.38 22.21
C LEU B 9 14.53 -12.88 22.30
N ARG B 10 14.51 -13.44 23.53
CA ARG B 10 14.92 -14.84 23.76
C ARG B 10 13.80 -15.81 23.40
N LEU B 11 14.17 -16.99 22.93
CA LEU B 11 13.19 -18.01 22.55
C LEU B 11 13.45 -19.36 23.26
N ASP B 12 14.01 -19.28 24.46
CA ASP B 12 14.52 -20.47 25.15
C ASP B 12 13.46 -21.55 25.31
N ASN B 13 13.82 -22.74 24.85
CA ASN B 13 12.94 -23.92 24.90
C ASN B 13 11.65 -23.88 24.09
N ARG B 14 11.48 -22.86 23.25
CA ARG B 14 10.35 -22.83 22.33
C ARG B 14 10.64 -23.75 21.16
N VAL B 15 9.59 -24.38 20.64
CA VAL B 15 9.69 -25.35 19.54
C VAL B 15 9.36 -24.65 18.22
N ALA B 16 10.29 -24.66 17.28
CA ALA B 16 10.12 -23.98 15.99
C ALA B 16 10.26 -24.96 14.85
N ILE B 17 9.29 -24.94 13.92
CA ILE B 17 9.41 -25.67 12.64
C ILE B 17 9.75 -24.67 11.55
N VAL B 18 10.81 -24.98 10.78
CA VAL B 18 11.18 -24.13 9.64
C VAL B 18 11.02 -24.93 8.36
N THR B 19 9.98 -24.62 7.57
CA THR B 19 9.85 -25.30 6.26
C THR B 19 10.87 -24.70 5.28
N GLY B 20 11.41 -25.56 4.43
CA GLY B 20 12.52 -25.16 3.56
C GLY B 20 13.77 -24.80 4.36
N GLY B 21 13.95 -25.40 5.53
CA GLY B 21 15.02 -24.98 6.45
C GLY B 21 16.42 -25.50 6.20
N ALA B 22 16.61 -26.32 5.15
CA ALA B 22 17.87 -27.05 4.95
C ALA B 22 18.98 -26.20 4.32
N GLN B 23 18.62 -25.09 3.69
CA GLN B 23 19.61 -24.26 3.01
C GLN B 23 19.17 -22.79 2.94
N ASN B 24 20.10 -21.93 2.54
CA ASN B 24 19.79 -20.56 2.14
C ASN B 24 19.02 -19.79 3.22
N ILE B 25 17.90 -19.15 2.85
CA ILE B 25 17.20 -18.32 3.84
C ILE B 25 16.67 -19.18 4.98
N GLY B 26 16.13 -20.35 4.61
CA GLY B 26 15.59 -21.27 5.61
C GLY B 26 16.64 -21.61 6.66
N LEU B 27 17.82 -22.00 6.21
CA LEU B 27 18.88 -22.40 7.14
C LEU B 27 19.34 -21.24 8.02
N ALA B 28 19.37 -20.03 7.45
CA ALA B 28 19.73 -18.84 8.26
C ALA B 28 18.69 -18.62 9.36
N CYS B 29 17.41 -18.79 9.01
CA CYS B 29 16.32 -18.68 10.01
C CYS B 29 16.46 -19.72 11.12
N VAL B 30 16.76 -20.95 10.72
CA VAL B 30 17.04 -22.05 11.68
C VAL B 30 18.15 -21.62 12.66
N THR B 31 19.24 -21.11 12.11
CA THR B 31 20.41 -20.73 12.90
C THR B 31 20.06 -19.62 13.89
N ALA B 32 19.39 -18.57 13.40
CA ALA B 32 19.01 -17.41 14.25
C ALA B 32 18.10 -17.86 15.41
N LEU B 33 17.12 -18.69 15.08
CA LEU B 33 16.19 -19.18 16.09
C LEU B 33 16.96 -19.99 17.13
N ALA B 34 17.86 -20.86 16.67
CA ALA B 34 18.65 -21.70 17.57
C ALA B 34 19.51 -20.83 18.49
N GLU B 35 20.12 -19.77 17.93
CA GLU B 35 20.98 -18.89 18.72
C GLU B 35 20.19 -18.12 19.80
N ALA B 36 18.91 -17.90 19.53
CA ALA B 36 17.99 -17.28 20.49
C ALA B 36 17.43 -18.28 21.51
N GLY B 37 17.80 -19.55 21.38
CA GLY B 37 17.46 -20.58 22.37
C GLY B 37 16.35 -21.56 22.00
N ALA B 38 15.79 -21.44 20.79
CA ALA B 38 14.74 -22.34 20.34
C ALA B 38 15.27 -23.74 20.01
N ARG B 39 14.38 -24.73 20.14
CA ARG B 39 14.59 -26.08 19.60
C ARG B 39 14.04 -25.99 18.20
N VAL B 40 14.85 -26.32 17.20
CA VAL B 40 14.39 -26.07 15.82
C VAL B 40 14.34 -27.36 15.01
N ILE B 41 13.25 -27.53 14.26
CA ILE B 41 13.11 -28.68 13.39
C ILE B 41 13.15 -28.17 11.94
N ILE B 42 14.14 -28.63 11.19
CA ILE B 42 14.21 -28.34 9.76
C ILE B 42 13.20 -29.27 9.09
N ALA B 43 12.21 -28.70 8.39
CA ALA B 43 11.23 -29.48 7.64
C ALA B 43 11.50 -29.27 6.15
N ASP B 44 12.00 -30.28 5.45
CA ASP B 44 12.51 -30.05 4.10
C ASP B 44 12.30 -31.30 3.26
N LEU B 45 12.19 -31.11 1.95
CA LEU B 45 12.04 -32.21 1.01
C LEU B 45 13.31 -33.05 0.90
N ASP B 46 14.48 -32.42 1.01
CA ASP B 46 15.76 -33.09 0.76
C ASP B 46 16.34 -33.63 2.06
N GLU B 47 16.15 -34.91 2.30
CA GLU B 47 16.59 -35.53 3.55
C GLU B 47 18.11 -35.40 3.80
N ALA B 48 18.92 -35.67 2.77
CA ALA B 48 20.38 -35.62 2.92
C ALA B 48 20.84 -34.21 3.27
N MET B 49 20.27 -33.22 2.59
CA MET B 49 20.64 -31.83 2.83
C MET B 49 20.24 -31.39 4.24
N ALA B 50 19.01 -31.72 4.64
CA ALA B 50 18.55 -31.43 6.00
C ALA B 50 19.45 -32.11 7.04
N THR B 51 19.83 -33.37 6.81
CA THR B 51 20.63 -34.13 7.77
C THR B 51 22.00 -33.52 7.96
N LYS B 52 22.62 -33.12 6.86
CA LYS B 52 23.92 -32.43 6.93
C LYS B 52 23.81 -31.12 7.70
N ALA B 53 22.74 -30.35 7.47
CA ALA B 53 22.50 -29.10 8.20
C ALA B 53 22.35 -29.35 9.72
N VAL B 54 21.56 -30.37 10.07
CA VAL B 54 21.34 -30.73 11.47
C VAL B 54 22.68 -31.09 12.14
N GLU B 55 23.45 -31.95 11.48
CA GLU B 55 24.74 -32.37 12.04
C GLU B 55 25.68 -31.18 12.25
N ASP B 56 25.67 -30.24 11.31
CA ASP B 56 26.52 -29.05 11.40
C ASP B 56 26.12 -28.18 12.58
N LEU B 57 24.82 -27.94 12.74
CA LEU B 57 24.33 -27.07 13.81
C LEU B 57 24.51 -27.71 15.18
N ARG B 58 24.31 -29.03 15.22
CA ARG B 58 24.51 -29.81 16.44
C ARG B 58 25.96 -29.70 16.94
N MET B 59 26.91 -29.71 16.01
CA MET B 59 28.32 -29.49 16.38
C MET B 59 28.55 -28.15 17.08
N GLU B 60 27.72 -27.15 16.77
CA GLU B 60 27.78 -25.82 17.42
C GLU B 60 27.04 -25.75 18.74
N GLY B 61 26.51 -26.87 19.22
CA GLY B 61 25.76 -26.86 20.48
C GLY B 61 24.27 -26.63 20.41
N HIS B 62 23.72 -26.49 19.21
CA HIS B 62 22.31 -26.18 19.07
C HIS B 62 21.44 -27.44 19.18
N ASP B 63 20.20 -27.26 19.61
CA ASP B 63 19.24 -28.34 19.68
C ASP B 63 18.38 -28.34 18.43
N VAL B 64 18.68 -29.23 17.50
CA VAL B 64 18.07 -29.16 16.18
C VAL B 64 17.76 -30.60 15.76
N SER B 65 16.82 -30.74 14.82
CA SER B 65 16.47 -32.04 14.29
C SER B 65 15.88 -31.77 12.93
N SER B 66 15.47 -32.82 12.23
CA SER B 66 14.82 -32.60 10.93
C SER B 66 13.70 -33.59 10.69
N VAL B 67 12.79 -33.22 9.80
CA VAL B 67 11.72 -34.10 9.34
C VAL B 67 11.58 -33.94 7.83
N VAL B 68 11.24 -35.02 7.13
CA VAL B 68 10.99 -34.90 5.68
C VAL B 68 9.59 -34.36 5.46
N MET B 69 9.48 -33.33 4.62
CA MET B 69 8.18 -32.70 4.33
C MET B 69 8.15 -32.19 2.90
N ASP B 70 7.09 -32.60 2.20
CA ASP B 70 6.79 -32.18 0.84
C ASP B 70 5.53 -31.33 0.91
N VAL B 71 5.74 -30.01 0.77
CA VAL B 71 4.64 -29.04 0.92
C VAL B 71 3.63 -29.07 -0.21
N THR B 72 3.89 -29.83 -1.26
CA THR B 72 2.87 -30.09 -2.26
C THR B 72 1.92 -31.21 -1.83
N ASN B 73 2.21 -31.87 -0.71
CA ASN B 73 1.45 -33.05 -0.33
C ASN B 73 0.88 -32.91 1.06
N THR B 74 -0.45 -32.83 1.16
CA THR B 74 -1.09 -32.58 2.46
C THR B 74 -0.79 -33.65 3.51
N GLU B 75 -0.91 -34.93 3.14
CA GLU B 75 -0.52 -36.03 4.05
C GLU B 75 0.91 -35.86 4.56
N SER B 76 1.85 -35.54 3.67
CA SER B 76 3.25 -35.32 4.09
C SER B 76 3.36 -34.21 5.15
N VAL B 77 2.73 -33.08 4.88
CA VAL B 77 2.77 -31.94 5.80
C VAL B 77 2.12 -32.29 7.14
N GLN B 78 0.94 -32.91 7.09
CA GLN B 78 0.21 -33.26 8.31
C GLN B 78 1.01 -34.27 9.15
N ASN B 79 1.57 -35.28 8.50
CA ASN B 79 2.35 -36.31 9.19
C ASN B 79 3.61 -35.73 9.84
N ALA B 80 4.26 -34.82 9.11
CA ALA B 80 5.50 -34.22 9.59
C ALA B 80 5.22 -33.33 10.82
N VAL B 81 4.14 -32.56 10.74
CA VAL B 81 3.75 -31.69 11.84
C VAL B 81 3.29 -32.48 13.05
N ARG B 82 2.46 -33.50 12.82
CA ARG B 82 2.06 -34.41 13.91
C ARG B 82 3.30 -35.03 14.56
N SER B 83 4.28 -35.40 13.75
CA SER B 83 5.47 -36.05 14.27
C SER B 83 6.24 -35.12 15.20
N VAL B 84 6.37 -33.87 14.79
CA VAL B 84 7.06 -32.85 15.59
C VAL B 84 6.29 -32.63 16.88
N HIS B 85 4.96 -32.55 16.77
CA HIS B 85 4.12 -32.26 17.92
C HIS B 85 4.23 -33.39 18.96
N GLU B 86 4.23 -34.64 18.50
CA GLU B 86 4.40 -35.77 19.42
C GLU B 86 5.79 -35.83 20.03
N GLN B 87 6.80 -35.54 19.22
CA GLN B 87 8.21 -35.65 19.63
C GLN B 87 8.61 -34.55 20.63
N GLU B 88 8.09 -33.34 20.45
CA GLU B 88 8.49 -32.19 21.25
C GLU B 88 7.44 -31.69 22.25
N GLY B 89 6.18 -32.09 22.06
CA GLY B 89 5.08 -31.77 23.00
C GLY B 89 4.29 -30.50 22.67
N ARG B 90 4.88 -29.62 21.85
CA ARG B 90 4.30 -28.30 21.50
C ARG B 90 4.85 -27.87 20.15
N VAL B 91 4.13 -26.97 19.47
CA VAL B 91 4.72 -26.19 18.37
C VAL B 91 4.47 -24.70 18.64
N ASP B 92 5.55 -23.98 18.93
CA ASP B 92 5.44 -22.56 19.30
C ASP B 92 5.58 -21.61 18.13
N ILE B 93 6.39 -22.00 17.16
CA ILE B 93 6.76 -21.13 16.05
C ILE B 93 6.74 -21.90 14.74
N LEU B 94 6.23 -21.28 13.68
CA LEU B 94 6.39 -21.78 12.34
C LEU B 94 7.05 -20.68 11.51
N VAL B 95 8.16 -21.01 10.87
CA VAL B 95 8.72 -20.13 9.83
C VAL B 95 8.60 -20.86 8.49
N ALA B 96 7.82 -20.29 7.59
CA ALA B 96 7.49 -20.98 6.34
C ALA B 96 8.33 -20.39 5.21
N CYS B 97 9.39 -21.11 4.86
CA CYS B 97 10.34 -20.66 3.85
C CYS B 97 10.24 -21.42 2.52
N ALA B 98 9.57 -22.57 2.52
CA ALA B 98 9.54 -23.45 1.34
C ALA B 98 8.95 -22.69 0.18
N GLY B 99 9.63 -22.71 -0.96
CA GLY B 99 9.18 -21.95 -2.11
C GLY B 99 10.12 -22.20 -3.26
N ILE B 100 9.64 -21.93 -4.47
CA ILE B 100 10.50 -21.97 -5.64
C ILE B 100 10.20 -20.74 -6.48
N CYS B 101 11.08 -20.45 -7.43
CA CYS B 101 10.89 -19.31 -8.31
C CYS B 101 11.22 -19.75 -9.72
N ILE B 102 10.22 -19.79 -10.58
CA ILE B 102 10.42 -20.10 -11.99
C ILE B 102 10.47 -18.77 -12.73
N SER B 103 11.66 -18.39 -13.18
CA SER B 103 11.88 -17.03 -13.64
C SER B 103 12.41 -17.03 -15.08
N GLU B 104 12.42 -15.85 -15.69
CA GLU B 104 12.75 -15.66 -17.12
C GLU B 104 11.79 -16.44 -18.02
N VAL B 105 10.53 -16.48 -17.60
CA VAL B 105 9.48 -17.13 -18.37
C VAL B 105 8.38 -16.10 -18.61
N LYS B 106 8.22 -15.67 -19.87
CA LYS B 106 7.27 -14.63 -20.23
C LYS B 106 5.84 -15.09 -19.97
N ALA B 107 4.98 -14.14 -19.58
CA ALA B 107 3.58 -14.44 -19.27
C ALA B 107 2.85 -15.11 -20.43
N GLU B 108 3.22 -14.75 -21.67
CA GLU B 108 2.56 -15.35 -22.85
C GLU B 108 3.05 -16.79 -23.15
N ASP B 109 4.16 -17.19 -22.51
CA ASP B 109 4.84 -18.47 -22.79
C ASP B 109 4.66 -19.50 -21.67
N MET B 110 4.42 -19.02 -20.44
CA MET B 110 4.40 -19.90 -19.26
C MET B 110 3.36 -21.01 -19.42
N THR B 111 3.75 -22.25 -19.12
CA THR B 111 2.80 -23.36 -19.29
C THR B 111 1.96 -23.53 -18.04
N ASP B 112 0.84 -24.25 -18.19
CA ASP B 112 0.04 -24.66 -17.03
C ASP B 112 0.90 -25.34 -15.97
N GLY B 113 1.74 -26.29 -16.40
CA GLY B 113 2.61 -27.04 -15.47
C GLY B 113 3.50 -26.10 -14.65
N GLN B 114 4.09 -25.12 -15.33
CA GLN B 114 4.99 -24.14 -14.69
C GLN B 114 4.23 -23.25 -13.71
N TRP B 115 3.10 -22.70 -14.18
CA TRP B 115 2.21 -21.89 -13.32
C TRP B 115 1.77 -22.65 -12.07
N LEU B 116 1.18 -23.83 -12.30
CA LEU B 116 0.58 -24.62 -11.23
C LEU B 116 1.60 -25.10 -10.19
N LYS B 117 2.80 -25.46 -10.63
CA LYS B 117 3.83 -25.93 -9.69
C LYS B 117 4.25 -24.78 -8.75
N GLN B 118 4.38 -23.59 -9.33
CA GLN B 118 4.77 -22.42 -8.56
C GLN B 118 3.74 -22.03 -7.53
N VAL B 119 2.47 -22.00 -7.95
CA VAL B 119 1.37 -21.72 -7.04
C VAL B 119 1.23 -22.84 -5.99
N ASP B 120 1.43 -24.10 -6.39
CA ASP B 120 1.25 -25.20 -5.44
C ASP B 120 2.26 -25.21 -4.30
N ILE B 121 3.52 -24.97 -4.63
CA ILE B 121 4.55 -24.94 -3.59
C ILE B 121 4.44 -23.66 -2.76
N ASN B 122 4.35 -22.51 -3.42
CA ASN B 122 4.48 -21.23 -2.72
C ASN B 122 3.24 -20.87 -1.92
N LEU B 123 2.08 -21.10 -2.52
CA LEU B 123 0.83 -20.61 -1.95
C LEU B 123 0.02 -21.76 -1.32
N ASN B 124 -0.28 -22.79 -2.12
CA ASN B 124 -0.97 -23.96 -1.56
C ASN B 124 -0.17 -24.60 -0.43
N GLY B 125 1.16 -24.69 -0.58
CA GLY B 125 2.04 -25.23 0.46
C GLY B 125 2.03 -24.36 1.72
N MET B 126 1.83 -23.06 1.54
CA MET B 126 1.65 -22.16 2.67
C MET B 126 0.37 -22.48 3.45
N PHE B 127 -0.74 -22.67 2.73
CA PHE B 127 -1.98 -23.13 3.37
C PHE B 127 -1.78 -24.49 4.10
N ARG B 128 -1.15 -25.47 3.44
CA ARG B 128 -0.97 -26.78 4.09
C ARG B 128 -0.17 -26.64 5.38
N SER B 129 0.93 -25.87 5.32
CA SER B 129 1.84 -25.72 6.45
C SER B 129 1.14 -24.97 7.61
N CYS B 130 0.56 -23.82 7.27
CA CYS B 130 -0.09 -22.97 8.26
C CYS B 130 -1.31 -23.63 8.91
N GLN B 131 -2.13 -24.32 8.11
CA GLN B 131 -3.28 -24.98 8.71
C GLN B 131 -2.80 -26.04 9.70
N ALA B 132 -1.83 -26.87 9.28
CA ALA B 132 -1.44 -28.00 10.13
C ALA B 132 -0.85 -27.52 11.46
N VAL B 133 0.02 -26.52 11.42
CA VAL B 133 0.60 -25.98 12.64
C VAL B 133 -0.44 -25.15 13.39
N GLY B 134 -1.20 -24.35 12.65
CA GLY B 134 -2.23 -23.49 13.24
C GLY B 134 -3.22 -24.22 14.14
N ARG B 135 -3.66 -25.41 13.73
CA ARG B 135 -4.56 -26.21 14.54
C ARG B 135 -3.98 -26.49 15.92
N ILE B 136 -2.69 -26.81 15.97
CA ILE B 136 -2.01 -27.06 17.24
C ILE B 136 -1.89 -25.77 18.05
N MET B 137 -1.55 -24.68 17.39
CA MET B 137 -1.42 -23.38 18.05
C MET B 137 -2.75 -22.91 18.65
N LEU B 138 -3.84 -23.19 17.95
CA LEU B 138 -5.18 -22.90 18.47
C LEU B 138 -5.49 -23.67 19.77
N GLU B 139 -5.12 -24.94 19.79
CA GLU B 139 -5.28 -25.76 21.03
C GLU B 139 -4.47 -25.15 22.18
N GLN B 140 -3.29 -24.66 21.86
CA GLN B 140 -2.39 -24.03 22.83
C GLN B 140 -2.83 -22.63 23.25
N LYS B 141 -3.67 -22.01 22.41
CA LYS B 141 -3.97 -20.58 22.52
C LYS B 141 -2.70 -19.76 22.54
N GLN B 142 -1.72 -20.16 21.73
CA GLN B 142 -0.42 -19.49 21.66
C GLN B 142 0.36 -19.97 20.46
N GLY B 143 0.93 -19.04 19.69
CA GLY B 143 1.77 -19.43 18.58
C GLY B 143 2.18 -18.22 17.75
N VAL B 144 3.21 -18.39 16.95
CA VAL B 144 3.61 -17.33 16.03
C VAL B 144 4.03 -17.95 14.70
N ILE B 145 3.56 -17.34 13.62
CA ILE B 145 3.92 -17.74 12.28
C ILE B 145 4.70 -16.58 11.66
N VAL B 146 5.79 -16.91 10.99
CA VAL B 146 6.45 -15.95 10.09
C VAL B 146 6.62 -16.56 8.70
N ALA B 147 6.01 -15.94 7.69
CA ALA B 147 6.18 -16.43 6.32
C ALA B 147 7.31 -15.66 5.64
N ILE B 148 8.08 -16.38 4.82
CA ILE B 148 8.94 -15.70 3.84
C ILE B 148 8.10 -15.32 2.63
N GLY B 149 7.71 -14.05 2.57
CA GLY B 149 7.02 -13.48 1.42
C GLY B 149 8.10 -13.04 0.44
N SER B 150 7.86 -11.93 -0.25
CA SER B 150 8.85 -11.38 -1.18
C SER B 150 8.42 -9.98 -1.57
N MET B 151 9.39 -9.12 -1.83
CA MET B 151 9.06 -7.84 -2.46
C MET B 151 8.28 -8.07 -3.76
N SER B 152 8.43 -9.26 -4.38
CA SER B 152 7.69 -9.63 -5.62
C SER B 152 6.16 -9.68 -5.40
N GLY B 153 5.73 -9.75 -4.14
CA GLY B 153 4.32 -9.63 -3.85
C GLY B 153 3.78 -8.22 -3.99
N LEU B 154 4.69 -7.23 -4.02
CA LEU B 154 4.33 -5.81 -3.96
C LEU B 154 4.71 -5.12 -5.26
N ILE B 155 5.89 -5.44 -5.77
CA ILE B 155 6.34 -4.88 -7.03
C ILE B 155 6.70 -6.00 -8.00
N VAL B 156 6.93 -5.63 -9.26
CA VAL B 156 7.19 -6.62 -10.30
C VAL B 156 8.65 -6.52 -10.69
N ASN B 157 9.38 -7.62 -10.51
CA ASN B 157 10.82 -7.64 -10.80
C ASN B 157 11.12 -7.35 -12.26
N ARG B 158 12.32 -6.84 -12.51
CA ARG B 158 12.79 -6.62 -13.89
C ARG B 158 14.29 -6.88 -14.00
N PRO B 159 14.75 -7.35 -15.16
CA PRO B 159 13.94 -7.62 -16.36
C PRO B 159 13.32 -9.04 -16.40
N GLN B 160 13.64 -9.89 -15.42
CA GLN B 160 13.19 -11.27 -15.47
C GLN B 160 11.68 -11.44 -15.23
N GLN B 161 11.05 -12.22 -16.10
CA GLN B 161 9.60 -12.42 -16.05
C GLN B 161 9.27 -13.61 -15.15
N GLN B 162 8.26 -13.44 -14.29
CA GLN B 162 7.93 -14.47 -13.29
C GLN B 162 6.57 -14.20 -12.69
N ALA B 163 5.55 -14.09 -13.53
CA ALA B 163 4.28 -13.57 -13.02
C ALA B 163 3.64 -14.52 -12.01
N ALA B 164 3.85 -15.83 -12.16
CA ALA B 164 3.29 -16.82 -11.22
C ALA B 164 3.95 -16.66 -9.84
N TYR B 165 5.26 -16.46 -9.81
CA TYR B 165 5.94 -16.23 -8.54
C TYR B 165 5.39 -14.98 -7.85
N ASN B 166 5.33 -13.87 -8.59
CA ASN B 166 4.82 -12.60 -8.03
C ASN B 166 3.41 -12.75 -7.45
N ALA B 167 2.53 -13.38 -8.25
CA ALA B 167 1.16 -13.64 -7.80
C ALA B 167 1.13 -14.53 -6.57
N SER B 168 1.93 -15.58 -6.58
CA SER B 168 1.93 -16.55 -5.46
C SER B 168 2.35 -15.87 -4.15
N LYS B 169 3.31 -14.96 -4.24
CA LYS B 169 3.81 -14.29 -3.05
C LYS B 169 2.85 -13.22 -2.53
N ALA B 170 2.14 -12.54 -3.44
CA ALA B 170 1.08 -11.63 -2.99
C ALA B 170 -0.02 -12.44 -2.28
N GLY B 171 -0.32 -13.63 -2.83
CA GLY B 171 -1.26 -14.59 -2.22
C GLY B 171 -0.80 -14.94 -0.80
N VAL B 172 0.48 -15.28 -0.67
CA VAL B 172 1.08 -15.59 0.66
C VAL B 172 0.88 -14.43 1.66
N HIS B 173 1.23 -13.22 1.26
CA HIS B 173 1.07 -12.04 2.14
C HIS B 173 -0.38 -11.92 2.62
N GLN B 174 -1.35 -11.99 1.72
CA GLN B 174 -2.74 -11.76 2.11
C GLN B 174 -3.34 -12.96 2.86
N TYR B 175 -2.86 -14.16 2.53
CA TYR B 175 -3.24 -15.35 3.32
C TYR B 175 -2.77 -15.18 4.78
N ILE B 176 -1.50 -14.78 4.96
CA ILE B 176 -0.95 -14.57 6.32
C ILE B 176 -1.75 -13.50 7.08
N ARG B 177 -2.10 -12.42 6.38
CA ARG B 177 -2.94 -11.37 6.99
C ARG B 177 -4.33 -11.88 7.41
N SER B 178 -4.91 -12.74 6.57
CA SER B 178 -6.17 -13.43 6.90
C SER B 178 -6.03 -14.27 8.17
N LEU B 179 -4.93 -15.03 8.29
CA LEU B 179 -4.69 -15.82 9.48
C LEU B 179 -4.50 -14.90 10.68
N ALA B 180 -3.76 -13.80 10.49
CA ALA B 180 -3.53 -12.82 11.56
C ALA B 180 -4.88 -12.33 12.12
N ALA B 181 -5.80 -12.00 11.22
CA ALA B 181 -7.12 -11.51 11.67
C ALA B 181 -7.95 -12.59 12.35
N GLU B 182 -8.02 -13.76 11.75
CA GLU B 182 -8.85 -14.85 12.31
C GLU B 182 -8.31 -15.33 13.67
N TRP B 183 -6.99 -15.35 13.84
CA TRP B 183 -6.38 -16.03 15.00
C TRP B 183 -5.88 -15.08 16.10
N ALA B 184 -5.92 -13.78 15.83
CA ALA B 184 -5.55 -12.76 16.83
C ALA B 184 -6.21 -12.91 18.21
N PRO B 185 -7.52 -13.24 18.26
CA PRO B 185 -8.14 -13.42 19.59
C PRO B 185 -7.68 -14.67 20.37
N HIS B 186 -6.88 -15.51 19.74
CA HIS B 186 -6.53 -16.81 20.31
C HIS B 186 -5.02 -16.95 20.54
N GLY B 187 -4.37 -15.82 20.81
CA GLY B 187 -2.96 -15.78 21.22
C GLY B 187 -1.93 -16.09 20.15
N ILE B 188 -2.33 -16.00 18.88
CA ILE B 188 -1.45 -16.30 17.74
C ILE B 188 -1.18 -15.02 16.98
N ARG B 189 0.07 -14.81 16.57
CA ARG B 189 0.44 -13.73 15.66
C ARG B 189 0.95 -14.32 14.36
N ALA B 190 0.73 -13.62 13.26
CA ALA B 190 1.22 -14.09 11.96
C ALA B 190 1.68 -12.87 11.16
N ASN B 191 2.93 -12.90 10.73
CA ASN B 191 3.51 -11.82 9.94
C ASN B 191 4.34 -12.39 8.78
N ALA B 192 4.69 -11.55 7.83
CA ALA B 192 5.54 -11.96 6.72
C ALA B 192 6.68 -10.97 6.52
N VAL B 193 7.82 -11.49 6.05
CA VAL B 193 8.88 -10.62 5.54
C VAL B 193 8.84 -10.60 4.02
N ALA B 194 9.20 -9.45 3.45
CA ALA B 194 9.17 -9.25 2.01
C ALA B 194 10.56 -8.80 1.58
N PRO B 195 11.47 -9.77 1.37
CA PRO B 195 12.85 -9.37 1.04
C PRO B 195 13.10 -8.98 -0.40
N THR B 196 14.19 -8.25 -0.58
CA THR B 196 14.79 -8.07 -1.91
C THR B 196 15.60 -9.32 -2.31
N TYR B 197 16.34 -9.22 -3.41
CA TYR B 197 17.28 -10.25 -3.84
C TYR B 197 18.23 -10.60 -2.71
N ILE B 198 18.29 -11.89 -2.41
CA ILE B 198 19.22 -12.44 -1.41
C ILE B 198 20.21 -13.37 -2.09
N GLU B 199 21.48 -13.19 -1.78
CA GLU B 199 22.50 -14.08 -2.32
C GLU B 199 22.31 -15.48 -1.76
N THR B 200 21.95 -16.42 -2.63
CA THR B 200 21.73 -17.81 -2.24
C THR B 200 22.23 -18.70 -3.37
N THR B 201 22.32 -20.00 -3.11
CA THR B 201 22.74 -20.98 -4.15
C THR B 201 21.93 -20.82 -5.44
N LEU B 202 20.65 -20.45 -5.27
CA LEU B 202 19.74 -20.31 -6.38
C LEU B 202 19.92 -18.98 -7.16
N THR B 203 20.01 -17.86 -6.44
CA THR B 203 20.11 -16.55 -7.10
C THR B 203 21.50 -16.26 -7.66
N ARG B 204 22.50 -17.03 -7.24
CA ARG B 204 23.88 -16.82 -7.68
C ARG B 204 24.06 -16.98 -9.19
N PHE B 205 23.16 -17.74 -9.82
CA PHE B 205 23.13 -17.83 -11.27
C PHE B 205 22.74 -16.49 -11.90
N GLY B 206 21.64 -15.91 -11.43
CA GLY B 206 21.21 -14.57 -11.82
C GLY B 206 22.23 -13.50 -11.50
N MET B 207 22.92 -13.65 -10.38
CA MET B 207 23.97 -12.69 -9.97
C MET B 207 25.20 -12.72 -10.89
N GLU B 208 25.39 -13.83 -11.59
CA GLU B 208 26.53 -13.97 -12.50
C GLU B 208 26.14 -13.65 -13.94
N LYS B 209 24.91 -13.17 -14.10
CA LYS B 209 24.37 -12.74 -15.40
C LYS B 209 24.16 -11.23 -15.37
N PRO B 210 25.09 -10.47 -15.99
CA PRO B 210 25.09 -9.00 -15.88
C PRO B 210 23.77 -8.35 -16.27
N GLU B 211 23.09 -8.86 -17.29
CA GLU B 211 21.79 -8.31 -17.69
C GLU B 211 20.80 -8.30 -16.52
N LEU B 212 20.90 -9.32 -15.65
CA LEU B 212 20.04 -9.41 -14.47
C LEU B 212 20.65 -8.64 -13.30
N TYR B 213 21.84 -9.04 -12.88
CA TYR B 213 22.47 -8.49 -11.68
C TYR B 213 22.62 -6.98 -11.75
N ASP B 214 23.09 -6.46 -12.88
CA ASP B 214 23.27 -5.00 -13.03
C ASP B 214 21.96 -4.24 -12.87
N ALA B 215 20.87 -4.80 -13.38
CA ALA B 215 19.55 -4.19 -13.23
C ALA B 215 19.13 -4.22 -11.77
N TRP B 216 19.36 -5.35 -11.09
CA TRP B 216 18.98 -5.46 -9.68
C TRP B 216 19.71 -4.43 -8.82
N ILE B 217 21.02 -4.32 -9.03
CA ILE B 217 21.84 -3.35 -8.28
C ILE B 217 21.40 -1.92 -8.58
N ALA B 218 21.16 -1.62 -9.86
CA ALA B 218 20.79 -0.27 -10.27
C ALA B 218 19.46 0.15 -9.67
N GLY B 219 18.59 -0.83 -9.40
CA GLY B 219 17.27 -0.57 -8.83
C GLY B 219 17.21 -0.54 -7.31
N THR B 220 18.36 -0.76 -6.67
CA THR B 220 18.45 -0.85 -5.22
C THR B 220 19.15 0.39 -4.61
N PRO B 221 18.45 1.16 -3.77
CA PRO B 221 19.11 2.31 -3.13
C PRO B 221 20.40 1.96 -2.39
N MET B 222 20.44 0.85 -1.63
CA MET B 222 21.70 0.43 -0.98
C MET B 222 22.74 -0.10 -1.97
N GLY B 223 22.33 -0.32 -3.22
CA GLY B 223 23.26 -0.76 -4.27
C GLY B 223 23.87 -2.13 -4.06
N ARG B 224 23.12 -3.04 -3.43
CA ARG B 224 23.59 -4.39 -3.16
C ARG B 224 22.42 -5.37 -3.01
N VAL B 225 22.71 -6.67 -3.14
CA VAL B 225 21.72 -7.68 -2.72
C VAL B 225 21.87 -7.89 -1.22
N GLY B 226 20.90 -8.56 -0.62
CA GLY B 226 20.99 -8.87 0.80
C GLY B 226 21.67 -10.21 1.01
N GLN B 227 22.01 -10.49 2.27
CA GLN B 227 22.56 -11.78 2.68
C GLN B 227 21.50 -12.54 3.51
N PRO B 228 21.52 -13.88 3.49
CA PRO B 228 20.46 -14.61 4.22
C PRO B 228 20.32 -14.24 5.68
N ASP B 229 21.44 -13.95 6.35
CA ASP B 229 21.39 -13.60 7.79
C ASP B 229 20.59 -12.33 8.06
N GLU B 230 20.57 -11.43 7.08
CA GLU B 230 19.82 -10.19 7.26
C GLU B 230 18.31 -10.42 7.24
N VAL B 231 17.86 -11.45 6.51
CA VAL B 231 16.44 -11.81 6.55
C VAL B 231 16.15 -12.57 7.88
N ALA B 232 17.04 -13.49 8.24
CA ALA B 232 16.89 -14.29 9.44
C ALA B 232 16.78 -13.44 10.69
N SER B 233 17.53 -12.34 10.74
CA SER B 233 17.44 -11.43 11.89
C SER B 233 16.02 -10.89 12.08
N VAL B 234 15.40 -10.47 10.97
CA VAL B 234 14.03 -9.90 11.04
C VAL B 234 13.06 -11.02 11.39
N VAL B 235 13.29 -12.20 10.81
CA VAL B 235 12.38 -13.33 11.09
C VAL B 235 12.42 -13.69 12.59
N GLN B 236 13.63 -13.77 13.15
CA GLN B 236 13.82 -14.10 14.55
C GLN B 236 13.12 -13.08 15.44
N PHE B 237 13.27 -11.80 15.09
CA PHE B 237 12.58 -10.74 15.83
C PHE B 237 11.05 -10.94 15.83
N LEU B 238 10.50 -11.17 14.66
CA LEU B 238 9.05 -11.34 14.50
C LEU B 238 8.51 -12.58 15.21
N ALA B 239 9.38 -13.56 15.41
CA ALA B 239 8.99 -14.79 16.13
C ALA B 239 9.00 -14.57 17.65
N SER B 240 9.66 -13.48 18.10
CA SER B 240 9.89 -13.27 19.53
C SER B 240 8.81 -12.40 20.16
N ASP B 241 8.76 -12.42 21.50
CA ASP B 241 7.83 -11.54 22.25
C ASP B 241 8.11 -10.04 22.07
N ALA B 242 9.31 -9.70 21.60
CA ALA B 242 9.59 -8.30 21.28
C ALA B 242 8.62 -7.73 20.23
N ALA B 243 8.13 -8.61 19.34
CA ALA B 243 7.17 -8.24 18.29
C ALA B 243 5.70 -8.47 18.73
N SER B 244 5.45 -8.41 20.05
CA SER B 244 4.13 -8.74 20.61
C SER B 244 2.98 -7.90 20.06
N LEU B 245 3.26 -6.68 19.61
CA LEU B 245 2.19 -5.82 19.06
C LEU B 245 2.03 -5.98 17.54
N MET B 246 2.89 -6.79 16.90
CA MET B 246 2.84 -6.92 15.46
C MET B 246 2.09 -8.18 15.01
N THR B 247 0.99 -7.99 14.27
CA THR B 247 0.38 -9.10 13.56
C THR B 247 -0.22 -8.60 12.24
N GLY B 248 -0.17 -9.44 11.21
CA GLY B 248 -0.64 -9.07 9.86
C GLY B 248 0.26 -8.09 9.14
N ALA B 249 1.48 -7.87 9.66
CA ALA B 249 2.45 -6.98 9.04
C ALA B 249 3.18 -7.67 7.89
N ILE B 250 3.27 -6.97 6.76
CA ILE B 250 4.19 -7.34 5.67
C ILE B 250 5.40 -6.43 5.83
N VAL B 251 6.46 -7.01 6.40
CA VAL B 251 7.63 -6.20 6.79
C VAL B 251 8.60 -6.15 5.62
N ASN B 252 8.85 -4.94 5.11
CA ASN B 252 9.75 -4.80 3.95
C ASN B 252 11.22 -4.92 4.37
N VAL B 253 11.94 -5.87 3.77
CA VAL B 253 13.36 -6.09 4.11
C VAL B 253 14.13 -6.08 2.80
N ASP B 254 14.21 -4.90 2.19
CA ASP B 254 14.49 -4.87 0.75
C ASP B 254 15.55 -3.85 0.30
N ALA B 255 16.37 -3.38 1.25
CA ALA B 255 17.46 -2.43 0.93
C ALA B 255 16.94 -1.17 0.22
N GLY B 256 15.65 -0.86 0.39
CA GLY B 256 15.04 0.30 -0.24
C GLY B 256 14.45 0.05 -1.62
N PHE B 257 14.49 -1.19 -2.10
CA PHE B 257 14.07 -1.46 -3.51
C PHE B 257 12.66 -0.93 -3.83
N THR B 258 11.73 -1.11 -2.90
CA THR B 258 10.35 -0.72 -3.08
C THR B 258 10.10 0.77 -2.82
N VAL B 259 11.13 1.48 -2.37
CA VAL B 259 11.02 2.93 -2.14
C VAL B 259 11.03 3.73 -3.46
N TRP B 260 11.86 3.29 -4.41
CA TRP B 260 11.90 3.92 -5.72
C TRP B 260 10.73 3.45 -6.58
N MET C 4 26.35 -14.62 17.23
CA MET C 4 26.35 -13.64 16.11
C MET C 4 24.99 -12.98 15.95
N TYR C 5 23.92 -13.75 15.76
CA TYR C 5 22.60 -13.13 15.65
C TYR C 5 22.22 -12.28 16.86
N MET C 6 22.49 -12.77 18.07
CA MET C 6 22.10 -12.01 19.25
C MET C 6 22.95 -10.75 19.44
N GLU C 7 24.22 -10.81 19.04
CA GLU C 7 25.13 -9.67 19.16
C GLU C 7 24.74 -8.52 18.24
N LYS C 8 24.08 -8.83 17.12
CA LYS C 8 23.59 -7.78 16.19
C LYS C 8 22.57 -6.84 16.81
N LEU C 9 21.95 -7.28 17.90
CA LEU C 9 20.95 -6.49 18.63
C LEU C 9 21.56 -5.42 19.56
N ARG C 10 22.85 -5.56 19.90
CA ARG C 10 23.52 -4.66 20.85
C ARG C 10 23.84 -3.28 20.26
N LEU C 11 23.76 -2.24 21.11
CA LEU C 11 24.08 -0.87 20.69
C LEU C 11 25.18 -0.23 21.55
N ASP C 12 26.10 -1.04 22.06
CA ASP C 12 27.08 -0.56 23.03
C ASP C 12 27.90 0.60 22.52
N ASN C 13 27.90 1.65 23.33
CA ASN C 13 28.68 2.86 23.09
C ASN C 13 28.16 3.75 21.97
N ARG C 14 27.00 3.40 21.41
CA ARG C 14 26.42 4.17 20.32
C ARG C 14 25.63 5.35 20.88
N VAL C 15 25.71 6.48 20.19
CA VAL C 15 25.09 7.70 20.72
C VAL C 15 23.73 7.89 20.07
N ALA C 16 22.69 7.94 20.89
CA ALA C 16 21.32 8.07 20.38
C ALA C 16 20.64 9.34 20.87
N ILE C 17 20.08 10.11 19.95
CA ILE C 17 19.20 11.23 20.34
C ILE C 17 17.74 10.81 20.17
N VAL C 18 16.94 11.01 21.21
CA VAL C 18 15.52 10.68 21.12
C VAL C 18 14.70 11.95 21.30
N THR C 19 14.08 12.45 20.23
CA THR C 19 13.28 13.67 20.43
C THR C 19 11.94 13.26 21.04
N GLY C 20 11.40 14.14 21.87
CA GLY C 20 10.23 13.81 22.69
C GLY C 20 10.51 12.65 23.63
N GLY C 21 11.76 12.53 24.09
CA GLY C 21 12.18 11.37 24.86
C GLY C 21 11.82 11.35 26.34
N ALA C 22 11.16 12.41 26.83
CA ALA C 22 10.96 12.55 28.28
C ALA C 22 9.79 11.75 28.85
N GLN C 23 8.86 11.32 27.99
CA GLN C 23 7.71 10.56 28.46
C GLN C 23 7.10 9.66 27.39
N ASN C 24 6.14 8.85 27.80
CA ASN C 24 5.34 8.02 26.90
C ASN C 24 6.20 7.19 25.94
N ILE C 25 5.91 7.21 24.64
CA ILE C 25 6.63 6.32 23.74
C ILE C 25 8.13 6.69 23.71
N GLY C 26 8.41 7.99 23.67
CA GLY C 26 9.80 8.49 23.66
C GLY C 26 10.64 7.89 24.80
N LEU C 27 10.08 7.94 26.00
CA LEU C 27 10.79 7.45 27.20
C LEU C 27 11.01 5.93 27.15
N ALA C 28 10.01 5.20 26.66
CA ALA C 28 10.16 3.76 26.42
C ALA C 28 11.28 3.50 25.42
N CYS C 29 11.33 4.29 24.34
CA CYS C 29 12.43 4.14 23.38
C CYS C 29 13.79 4.42 24.02
N VAL C 30 13.90 5.51 24.80
CA VAL C 30 15.14 5.84 25.54
C VAL C 30 15.58 4.63 26.37
N THR C 31 14.62 4.03 27.09
CA THR C 31 14.90 2.91 28.00
C THR C 31 15.42 1.68 27.23
N ALA C 32 14.73 1.34 26.13
CA ALA C 32 15.13 0.18 25.31
C ALA C 32 16.52 0.37 24.71
N LEU C 33 16.77 1.57 24.18
CA LEU C 33 18.07 1.89 23.64
C LEU C 33 19.15 1.73 24.71
N ALA C 34 18.89 2.27 25.90
CA ALA C 34 19.88 2.24 26.99
C ALA C 34 20.14 0.80 27.44
N GLU C 35 19.08 0.00 27.54
CA GLU C 35 19.24 -1.40 27.92
C GLU C 35 20.06 -2.18 26.90
N ALA C 36 19.97 -1.79 25.64
CA ALA C 36 20.82 -2.37 24.60
C ALA C 36 22.27 -1.88 24.60
N GLY C 37 22.60 -0.93 25.49
CA GLY C 37 23.96 -0.40 25.61
C GLY C 37 24.23 1.01 25.07
N ALA C 38 23.20 1.68 24.54
CA ALA C 38 23.38 3.01 23.92
C ALA C 38 23.60 4.08 24.98
N ARG C 39 24.32 5.13 24.59
CA ARG C 39 24.39 6.38 25.33
C ARG C 39 23.27 7.26 24.80
N VAL C 40 22.27 7.53 25.64
CA VAL C 40 21.03 8.13 25.14
C VAL C 40 20.83 9.56 25.61
N ILE C 41 20.44 10.45 24.69
CA ILE C 41 20.15 11.84 25.04
C ILE C 41 18.67 12.12 24.79
N ILE C 42 17.96 12.46 25.86
CA ILE C 42 16.59 12.91 25.76
C ILE C 42 16.59 14.35 25.26
N ALA C 43 15.94 14.58 24.12
CA ALA C 43 15.79 15.91 23.56
C ALA C 43 14.33 16.26 23.65
N ASP C 44 13.98 17.20 24.52
CA ASP C 44 12.57 17.50 24.75
C ASP C 44 12.38 18.96 25.14
N LEU C 45 11.13 19.40 25.03
CA LEU C 45 10.79 20.80 25.29
C LEU C 45 10.79 21.05 26.78
N ASP C 46 10.36 20.04 27.52
CA ASP C 46 10.11 20.15 28.96
C ASP C 46 11.34 19.75 29.76
N GLU C 47 12.10 20.76 30.19
CA GLU C 47 13.37 20.52 30.86
C GLU C 47 13.22 19.78 32.18
N ALA C 48 12.16 20.09 32.92
CA ALA C 48 11.97 19.51 34.24
C ALA C 48 11.59 18.03 34.12
N MET C 49 10.73 17.71 33.16
CA MET C 49 10.31 16.34 32.91
C MET C 49 11.48 15.46 32.43
N ALA C 50 12.31 16.04 31.56
CA ALA C 50 13.51 15.37 31.05
C ALA C 50 14.52 15.09 32.17
N THR C 51 14.79 16.09 33.00
CA THR C 51 15.76 15.94 34.10
C THR C 51 15.32 14.84 35.07
N LYS C 52 14.03 14.78 35.37
CA LYS C 52 13.48 13.71 36.20
C LYS C 52 13.69 12.32 35.59
N ALA C 53 13.42 12.22 34.29
CA ALA C 53 13.64 10.97 33.55
C ALA C 53 15.11 10.54 33.60
N VAL C 54 16.01 11.50 33.39
CA VAL C 54 17.45 11.24 33.44
C VAL C 54 17.87 10.68 34.80
N GLU C 55 17.38 11.31 35.86
CA GLU C 55 17.69 10.90 37.24
C GLU C 55 17.25 9.46 37.50
N ASP C 56 16.01 9.13 37.12
CA ASP C 56 15.46 7.77 37.22
C ASP C 56 16.28 6.70 36.49
N LEU C 57 16.62 6.99 35.24
CA LEU C 57 17.39 6.07 34.40
C LEU C 57 18.82 5.90 34.89
N ARG C 58 19.44 6.98 35.35
CA ARG C 58 20.80 6.94 35.90
C ARG C 58 20.85 6.06 37.16
N MET C 59 19.78 6.09 37.95
CA MET C 59 19.69 5.24 39.13
C MET C 59 19.58 3.76 38.74
N GLU C 60 19.10 3.49 37.54
CA GLU C 60 19.06 2.12 37.02
C GLU C 60 20.39 1.68 36.41
N GLY C 61 21.38 2.58 36.41
CA GLY C 61 22.69 2.28 35.87
C GLY C 61 22.86 2.64 34.41
N HIS C 62 21.89 3.34 33.83
CA HIS C 62 21.96 3.75 32.42
C HIS C 62 22.69 5.07 32.18
N ASP C 63 23.29 5.16 31.01
CA ASP C 63 24.01 6.37 30.60
C ASP C 63 23.07 7.25 29.77
N VAL C 64 22.36 8.13 30.46
CA VAL C 64 21.34 8.97 29.84
C VAL C 64 21.56 10.41 30.28
N SER C 65 21.31 11.32 29.35
CA SER C 65 21.39 12.74 29.64
C SER C 65 20.26 13.44 28.88
N SER C 66 20.17 14.76 29.01
CA SER C 66 19.09 15.49 28.31
C SER C 66 19.57 16.81 27.75
N VAL C 67 18.79 17.32 26.80
CA VAL C 67 19.04 18.61 26.19
C VAL C 67 17.68 19.24 25.88
N VAL C 68 17.58 20.56 26.02
CA VAL C 68 16.34 21.24 25.68
C VAL C 68 16.23 21.40 24.15
N MET C 69 15.10 21.00 23.59
CA MET C 69 14.88 21.12 22.16
C MET C 69 13.43 21.43 21.86
N ASP C 70 13.22 22.48 21.07
CA ASP C 70 11.90 22.85 20.59
C ASP C 70 11.86 22.56 19.09
N VAL C 71 11.16 21.50 18.69
CA VAL C 71 11.14 21.11 17.27
C VAL C 71 10.43 22.09 16.33
N THR C 72 9.79 23.12 16.89
CA THR C 72 9.18 24.17 16.07
C THR C 72 10.20 25.24 15.72
N ASN C 73 11.40 25.11 16.28
CA ASN C 73 12.41 26.16 16.13
C ASN C 73 13.73 25.56 15.64
N THR C 74 14.11 25.95 14.43
CA THR C 74 15.30 25.43 13.75
C THR C 74 16.56 25.71 14.55
N GLU C 75 16.71 26.93 15.05
CA GLU C 75 17.87 27.27 15.89
C GLU C 75 17.97 26.36 17.12
N SER C 76 16.84 26.12 17.77
CA SER C 76 16.79 25.25 18.94
C SER C 76 17.26 23.83 18.62
N VAL C 77 16.74 23.29 17.51
CA VAL C 77 17.10 21.94 17.07
C VAL C 77 18.59 21.88 16.70
N GLN C 78 19.04 22.83 15.89
CA GLN C 78 20.44 22.83 15.47
C GLN C 78 21.41 22.96 16.66
N ASN C 79 21.10 23.85 17.60
CA ASN C 79 21.93 24.05 18.79
C ASN C 79 21.98 22.82 19.68
N ALA C 80 20.84 22.16 19.87
CA ALA C 80 20.76 20.98 20.73
C ALA C 80 21.55 19.82 20.11
N VAL C 81 21.38 19.62 18.80
CA VAL C 81 22.09 18.55 18.09
C VAL C 81 23.60 18.81 18.08
N ARG C 82 23.99 20.07 17.86
CA ARG C 82 25.41 20.42 17.91
C ARG C 82 25.98 20.18 19.31
N SER C 83 25.19 20.50 20.33
CA SER C 83 25.63 20.31 21.72
C SER C 83 25.93 18.83 22.00
N VAL C 84 25.03 17.95 21.57
CA VAL C 84 25.23 16.51 21.71
C VAL C 84 26.49 16.06 20.98
N HIS C 85 26.65 16.53 19.75
CA HIS C 85 27.78 16.12 18.92
C HIS C 85 29.08 16.55 19.57
N GLU C 86 29.08 17.76 20.12
CA GLU C 86 30.27 18.32 20.79
C GLU C 86 30.62 17.56 22.06
N GLN C 87 29.60 17.16 22.83
CA GLN C 87 29.82 16.55 24.14
C GLN C 87 30.02 15.03 24.08
N GLU C 88 29.46 14.40 23.06
CA GLU C 88 29.50 12.93 22.92
C GLU C 88 30.48 12.44 21.84
N GLY C 89 30.73 13.25 20.82
CA GLY C 89 31.71 12.95 19.80
C GLY C 89 31.14 12.40 18.50
N ARG C 90 29.92 11.84 18.58
CA ARG C 90 29.26 11.23 17.44
C ARG C 90 27.75 11.32 17.63
N VAL C 91 27.00 11.19 16.54
CA VAL C 91 25.56 10.90 16.66
C VAL C 91 25.27 9.69 15.78
N ASP C 92 24.99 8.56 16.43
CA ASP C 92 24.84 7.30 15.72
C ASP C 92 23.39 6.97 15.36
N ILE C 93 22.47 7.43 16.20
CA ILE C 93 21.07 7.03 16.10
C ILE C 93 20.21 8.26 16.38
N LEU C 94 19.16 8.45 15.59
CA LEU C 94 18.10 9.38 15.93
C LEU C 94 16.79 8.61 16.02
N VAL C 95 16.07 8.77 17.13
CA VAL C 95 14.69 8.34 17.18
C VAL C 95 13.84 9.58 17.32
N ALA C 96 12.97 9.82 16.34
CA ALA C 96 12.20 11.05 16.31
C ALA C 96 10.76 10.79 16.76
N CYS C 97 10.47 11.13 18.03
CA CYS C 97 9.15 10.86 18.59
C CYS C 97 8.29 12.12 18.78
N ALA C 98 8.90 13.30 18.72
CA ALA C 98 8.21 14.55 19.06
C ALA C 98 7.00 14.74 18.15
N GLY C 99 5.85 15.00 18.74
CA GLY C 99 4.62 15.09 17.94
C GLY C 99 3.46 15.48 18.83
N ILE C 100 2.36 15.90 18.22
CA ILE C 100 1.15 16.23 18.96
C ILE C 100 -0.04 15.75 18.13
N CYS C 101 -1.18 15.61 18.79
CA CYS C 101 -2.40 15.19 18.09
C CYS C 101 -3.52 16.05 18.60
N ILE C 102 -4.09 16.86 17.71
CA ILE C 102 -5.28 17.64 18.07
C ILE C 102 -6.46 16.90 17.45
N SER C 103 -7.28 16.33 18.30
CA SER C 103 -8.29 15.39 17.86
C SER C 103 -9.69 15.83 18.25
N GLU C 104 -10.68 15.10 17.74
CA GLU C 104 -12.12 15.43 17.86
C GLU C 104 -12.40 16.82 17.33
N VAL C 105 -11.67 17.19 16.27
CA VAL C 105 -11.91 18.45 15.59
C VAL C 105 -12.26 18.17 14.14
N LYS C 106 -13.53 18.42 13.80
CA LYS C 106 -14.06 18.13 12.45
C LYS C 106 -13.32 18.90 11.36
N ALA C 107 -13.17 18.28 10.19
CA ALA C 107 -12.43 18.89 9.09
C ALA C 107 -12.96 20.28 8.70
N GLU C 108 -14.29 20.46 8.75
CA GLU C 108 -14.89 21.75 8.44
C GLU C 108 -14.61 22.81 9.53
N ASP C 109 -14.27 22.37 10.75
CA ASP C 109 -14.17 23.28 11.89
C ASP C 109 -12.74 23.64 12.28
N MET C 110 -11.77 22.88 11.79
CA MET C 110 -10.40 23.05 12.26
C MET C 110 -9.88 24.43 11.88
N THR C 111 -9.28 25.14 12.84
CA THR C 111 -8.70 26.46 12.56
C THR C 111 -7.35 26.35 11.86
N ASP C 112 -6.97 27.42 11.15
CA ASP C 112 -5.61 27.52 10.59
C ASP C 112 -4.56 27.22 11.68
N GLY C 113 -4.76 27.81 12.86
CA GLY C 113 -3.84 27.62 13.98
C GLY C 113 -3.65 26.17 14.37
N GLN C 114 -4.77 25.44 14.46
CA GLN C 114 -4.75 24.01 14.78
C GLN C 114 -4.07 23.20 13.68
N TRP C 115 -4.39 23.49 12.42
CA TRP C 115 -3.77 22.77 11.28
C TRP C 115 -2.26 23.01 11.25
N LEU C 116 -1.86 24.28 11.25
CA LEU C 116 -0.46 24.67 11.13
C LEU C 116 0.40 24.20 12.30
N LYS C 117 -0.16 24.21 13.51
CA LYS C 117 0.60 23.75 14.69
C LYS C 117 0.92 22.24 14.57
N GLN C 118 -0.07 21.45 14.16
CA GLN C 118 0.14 20.02 13.98
C GLN C 118 1.13 19.70 12.89
N VAL C 119 1.02 20.39 11.76
CA VAL C 119 1.97 20.18 10.67
C VAL C 119 3.36 20.63 11.10
N ASP C 120 3.44 21.73 11.85
CA ASP C 120 4.74 22.26 12.25
C ASP C 120 5.50 21.34 13.21
N ILE C 121 4.83 20.85 14.24
CA ILE C 121 5.51 19.96 15.21
C ILE C 121 5.78 18.59 14.58
N ASN C 122 4.76 18.00 13.94
CA ASN C 122 4.87 16.61 13.48
C ASN C 122 5.73 16.44 12.24
N LEU C 123 5.56 17.34 11.29
CA LEU C 123 6.22 17.21 9.98
C LEU C 123 7.40 18.16 9.82
N ASN C 124 7.19 19.46 10.03
CA ASN C 124 8.28 20.43 9.91
C ASN C 124 9.35 20.11 10.94
N GLY C 125 8.93 19.71 12.14
CA GLY C 125 9.84 19.24 13.20
C GLY C 125 10.66 18.02 12.80
N MET C 126 10.06 17.14 12.00
CA MET C 126 10.75 15.95 11.50
C MET C 126 11.86 16.36 10.53
N PHE C 127 11.55 17.28 9.62
CA PHE C 127 12.56 17.88 8.76
C PHE C 127 13.70 18.55 9.55
N ARG C 128 13.34 19.37 10.53
CA ARG C 128 14.37 20.08 11.32
C ARG C 128 15.29 19.06 12.00
N SER C 129 14.67 18.06 12.64
CA SER C 129 15.45 17.10 13.42
C SER C 129 16.28 16.17 12.54
N CYS C 130 15.69 15.66 11.46
CA CYS C 130 16.39 14.73 10.57
C CYS C 130 17.49 15.44 9.78
N GLN C 131 17.26 16.69 9.38
CA GLN C 131 18.33 17.39 8.65
C GLN C 131 19.53 17.64 9.56
N ALA C 132 19.27 18.10 10.77
CA ALA C 132 20.37 18.46 11.70
C ALA C 132 21.20 17.21 12.04
N VAL C 133 20.52 16.10 12.35
CA VAL C 133 21.22 14.86 12.67
C VAL C 133 21.78 14.24 11.39
N GLY C 134 20.97 14.25 10.34
CA GLY C 134 21.39 13.70 9.04
C GLY C 134 22.73 14.25 8.53
N ARG C 135 22.97 15.55 8.70
CA ARG C 135 24.22 16.15 8.24
C ARG C 135 25.44 15.50 8.90
N ILE C 136 25.32 15.22 10.19
CA ILE C 136 26.37 14.54 10.94
C ILE C 136 26.53 13.09 10.45
N MET C 137 25.41 12.39 10.28
CA MET C 137 25.47 10.99 9.85
C MET C 137 26.13 10.89 8.45
N LEU C 138 25.84 11.86 7.58
CA LEU C 138 26.40 11.87 6.22
C LEU C 138 27.92 12.05 6.26
N GLU C 139 28.36 12.94 7.13
CA GLU C 139 29.78 13.15 7.42
C GLU C 139 30.44 11.84 7.87
N GLN C 140 29.81 11.17 8.84
CA GLN C 140 30.28 9.89 9.36
C GLN C 140 30.17 8.72 8.35
N LYS C 141 29.41 8.93 7.28
CA LYS C 141 28.94 7.85 6.42
C LYS C 141 28.40 6.67 7.21
N GLN C 142 27.63 6.97 8.26
CA GLN C 142 27.04 5.97 9.14
C GLN C 142 25.96 6.60 10.02
N GLY C 143 24.82 5.95 10.13
CA GLY C 143 23.79 6.43 11.04
C GLY C 143 22.48 5.71 10.80
N VAL C 144 21.60 5.74 11.79
CA VAL C 144 20.25 5.19 11.62
C VAL C 144 19.23 6.15 12.21
N ILE C 145 18.15 6.35 11.47
CA ILE C 145 17.01 7.13 11.92
C ILE C 145 15.82 6.20 12.08
N VAL C 146 15.09 6.36 13.17
CA VAL C 146 13.78 5.73 13.29
C VAL C 146 12.77 6.81 13.63
N ALA C 147 11.73 6.99 12.81
CA ALA C 147 10.68 7.96 13.14
C ALA C 147 9.50 7.23 13.76
N ILE C 148 8.85 7.86 14.72
CA ILE C 148 7.54 7.41 15.18
C ILE C 148 6.49 8.00 14.26
N GLY C 149 6.00 7.16 13.36
CA GLY C 149 4.92 7.53 12.43
C GLY C 149 3.63 7.20 13.15
N SER C 150 2.64 6.73 12.40
CA SER C 150 1.37 6.36 12.98
C SER C 150 0.56 5.56 11.96
N MET C 151 -0.25 4.62 12.45
CA MET C 151 -1.22 3.99 11.55
C MET C 151 -2.13 5.05 10.92
N SER C 152 -2.26 6.20 11.59
CA SER C 152 -3.03 7.37 11.07
C SER C 152 -2.48 7.92 9.73
N GLY C 153 -1.23 7.58 9.40
CA GLY C 153 -0.65 7.95 8.10
C GLY C 153 -1.15 7.09 6.95
N LEU C 154 -1.73 5.93 7.27
CA LEU C 154 -2.27 5.01 6.26
C LEU C 154 -3.78 4.78 6.30
N ILE C 155 -4.36 4.72 7.51
CA ILE C 155 -5.82 4.67 7.63
C ILE C 155 -6.32 5.89 8.41
N VAL C 156 -7.64 6.09 8.39
CA VAL C 156 -8.25 7.24 9.05
C VAL C 156 -8.96 6.74 10.28
N ASN C 157 -8.55 7.26 11.44
CA ASN C 157 -9.11 6.87 12.74
C ASN C 157 -10.60 7.18 12.84
N ARG C 158 -11.29 6.40 13.66
CA ARG C 158 -12.72 6.64 13.91
C ARG C 158 -13.07 6.36 15.38
N PRO C 159 -14.01 7.12 15.94
CA PRO C 159 -14.77 8.19 15.30
C PRO C 159 -14.10 9.57 15.34
N GLN C 160 -12.96 9.69 16.03
CA GLN C 160 -12.41 11.01 16.30
C GLN C 160 -11.78 11.62 15.03
N GLN C 161 -12.11 12.89 14.79
CA GLN C 161 -11.68 13.58 13.59
C GLN C 161 -10.33 14.27 13.87
N GLN C 162 -9.38 14.09 12.96
CA GLN C 162 -8.03 14.63 13.17
C GLN C 162 -7.27 14.65 11.86
N ALA C 163 -7.84 15.33 10.87
CA ALA C 163 -7.32 15.23 9.51
C ALA C 163 -5.90 15.74 9.38
N ALA C 164 -5.57 16.77 10.16
CA ALA C 164 -4.21 17.34 10.16
C ALA C 164 -3.20 16.33 10.70
N TYR C 165 -3.57 15.65 11.78
CA TYR C 165 -2.69 14.62 12.33
C TYR C 165 -2.40 13.53 11.28
N ASN C 166 -3.47 12.99 10.71
CA ASN C 166 -3.38 11.94 9.71
C ASN C 166 -2.49 12.37 8.55
N ALA C 167 -2.73 13.57 8.01
CA ALA C 167 -1.92 14.12 6.90
C ALA C 167 -0.45 14.28 7.29
N SER C 168 -0.22 14.82 8.48
CA SER C 168 1.14 15.11 8.93
C SER C 168 1.93 13.80 9.06
N LYS C 169 1.28 12.74 9.56
CA LYS C 169 1.98 11.44 9.74
C LYS C 169 2.21 10.73 8.41
N ALA C 170 1.29 10.85 7.45
CA ALA C 170 1.59 10.38 6.09
C ALA C 170 2.79 11.12 5.52
N GLY C 171 2.85 12.44 5.75
CA GLY C 171 4.01 13.25 5.40
C GLY C 171 5.31 12.73 6.02
N VAL C 172 5.27 12.44 7.31
CA VAL C 172 6.44 11.87 8.02
C VAL C 172 6.89 10.58 7.33
N HIS C 173 5.95 9.65 7.07
CA HIS C 173 6.32 8.37 6.43
C HIS C 173 7.08 8.59 5.13
N GLN C 174 6.51 9.44 4.25
CA GLN C 174 7.09 9.63 2.93
C GLN C 174 8.36 10.49 2.96
N TYR C 175 8.43 11.43 3.91
CA TYR C 175 9.70 12.15 4.18
C TYR C 175 10.83 11.18 4.55
N ILE C 176 10.56 10.29 5.51
CA ILE C 176 11.54 9.28 5.95
C ILE C 176 11.96 8.40 4.78
N ARG C 177 10.99 7.99 3.95
CA ARG C 177 11.31 7.18 2.78
C ARG C 177 12.20 7.96 1.80
N SER C 178 11.96 9.26 1.65
CA SER C 178 12.78 10.09 0.76
C SER C 178 14.21 10.14 1.28
N LEU C 179 14.35 10.29 2.60
CA LEU C 179 15.71 10.28 3.22
C LEU C 179 16.37 8.92 3.02
N ALA C 180 15.59 7.86 3.19
CA ALA C 180 16.09 6.49 3.00
C ALA C 180 16.71 6.33 1.61
N ALA C 181 15.99 6.80 0.58
CA ALA C 181 16.47 6.69 -0.80
C ALA C 181 17.70 7.58 -1.03
N GLU C 182 17.63 8.82 -0.56
CA GLU C 182 18.71 9.76 -0.81
C GLU C 182 20.00 9.35 -0.10
N TRP C 183 19.86 8.80 1.10
CA TRP C 183 21.02 8.57 1.96
C TRP C 183 21.51 7.11 2.01
N ALA C 184 20.75 6.20 1.38
CA ALA C 184 21.15 4.77 1.31
C ALA C 184 22.59 4.51 0.89
N PRO C 185 23.11 5.19 -0.15
CA PRO C 185 24.50 4.94 -0.55
C PRO C 185 25.56 5.46 0.44
N HIS C 186 25.14 6.13 1.50
CA HIS C 186 26.04 6.81 2.44
C HIS C 186 26.07 6.21 3.85
N GLY C 187 25.65 4.95 3.96
CA GLY C 187 25.76 4.22 5.22
C GLY C 187 24.64 4.55 6.20
N ILE C 188 23.57 5.16 5.71
CA ILE C 188 22.47 5.58 6.58
C ILE C 188 21.25 4.74 6.23
N ARG C 189 20.51 4.33 7.26
CA ARG C 189 19.18 3.73 7.12
C ARG C 189 18.17 4.64 7.81
N ALA C 190 16.96 4.69 7.27
CA ALA C 190 15.89 5.45 7.87
C ALA C 190 14.58 4.65 7.71
N ASN C 191 13.94 4.34 8.83
CA ASN C 191 12.64 3.66 8.81
C ASN C 191 11.67 4.35 9.75
N ALA C 192 10.39 4.00 9.64
CA ALA C 192 9.37 4.50 10.56
C ALA C 192 8.53 3.36 11.13
N VAL C 193 8.05 3.52 12.37
CA VAL C 193 7.04 2.63 12.91
C VAL C 193 5.67 3.30 12.81
N ALA C 194 4.65 2.51 12.50
CA ALA C 194 3.29 3.03 12.38
C ALA C 194 2.42 2.31 13.41
N PRO C 195 2.41 2.80 14.67
CA PRO C 195 1.66 2.11 15.72
C PRO C 195 0.15 2.34 15.72
N THR C 196 -0.57 1.40 16.34
CA THR C 196 -1.96 1.61 16.75
C THR C 196 -2.00 2.53 17.99
N TYR C 197 -3.18 2.64 18.59
CA TYR C 197 -3.35 3.35 19.85
C TYR C 197 -2.43 2.75 20.90
N ILE C 198 -1.70 3.61 21.58
CA ILE C 198 -0.83 3.20 22.67
C ILE C 198 -1.29 3.90 23.95
N GLU C 199 -1.35 3.15 25.05
CA GLU C 199 -1.72 3.73 26.33
C GLU C 199 -0.65 4.70 26.81
N THR C 200 -0.99 5.98 26.84
CA THR C 200 -0.08 7.06 27.27
C THR C 200 -0.90 8.19 27.86
N THR C 201 -0.23 9.21 28.38
CA THR C 201 -0.92 10.45 28.82
C THR C 201 -1.75 11.07 27.67
N LEU C 202 -1.25 10.96 26.44
CA LEU C 202 -1.89 11.58 25.28
C LEU C 202 -3.14 10.86 24.73
N THR C 203 -3.39 9.63 25.19
CA THR C 203 -4.57 8.87 24.75
C THR C 203 -5.58 8.65 25.88
N ARG C 204 -5.27 9.21 27.06
CA ARG C 204 -6.20 9.18 28.18
C ARG C 204 -7.59 9.66 27.80
N PHE C 205 -7.66 10.77 27.07
CA PHE C 205 -8.94 11.38 26.67
C PHE C 205 -9.82 10.43 25.84
N GLY C 206 -9.19 9.57 25.05
CA GLY C 206 -9.92 8.60 24.29
C GLY C 206 -10.21 7.35 25.10
N MET C 207 -9.23 6.89 25.86
CA MET C 207 -9.38 5.64 26.61
C MET C 207 -10.44 5.74 27.70
N GLU C 208 -10.62 6.95 28.24
CA GLU C 208 -11.61 7.19 29.29
C GLU C 208 -12.97 7.61 28.72
N LYS C 209 -13.06 7.74 27.40
CA LYS C 209 -14.33 8.04 26.75
C LYS C 209 -14.81 6.82 25.97
N PRO C 210 -15.87 6.14 26.47
CA PRO C 210 -16.38 4.90 25.89
C PRO C 210 -16.71 4.95 24.40
N GLU C 211 -17.30 6.05 23.93
CA GLU C 211 -17.60 6.21 22.51
C GLU C 211 -16.33 6.02 21.67
N LEU C 212 -15.19 6.48 22.20
CA LEU C 212 -13.89 6.37 21.53
C LEU C 212 -13.25 5.00 21.80
N TYR C 213 -12.99 4.71 23.07
CA TYR C 213 -12.31 3.46 23.45
C TYR C 213 -13.00 2.20 22.89
N ASP C 214 -14.32 2.11 23.02
CA ASP C 214 -15.04 0.91 22.56
C ASP C 214 -14.86 0.72 21.04
N ALA C 215 -14.89 1.83 20.30
CA ALA C 215 -14.67 1.79 18.86
C ALA C 215 -13.24 1.32 18.52
N TRP C 216 -12.26 1.87 19.23
CA TRP C 216 -10.86 1.46 19.05
C TRP C 216 -10.65 -0.04 19.24
N ILE C 217 -11.17 -0.56 20.35
CA ILE C 217 -11.08 -2.00 20.65
C ILE C 217 -11.84 -2.86 19.61
N ALA C 218 -13.06 -2.44 19.25
CA ALA C 218 -13.86 -3.18 18.27
C ALA C 218 -13.16 -3.22 16.91
N GLY C 219 -12.35 -2.21 16.62
CA GLY C 219 -11.64 -2.13 15.35
C GLY C 219 -10.31 -2.87 15.32
N THR C 220 -9.93 -3.48 16.46
CA THR C 220 -8.59 -4.10 16.63
C THR C 220 -8.70 -5.62 16.76
N PRO C 221 -8.05 -6.36 15.83
CA PRO C 221 -8.09 -7.83 15.91
C PRO C 221 -7.62 -8.40 17.26
N MET C 222 -6.53 -7.87 17.82
CA MET C 222 -6.07 -8.30 19.17
C MET C 222 -6.98 -7.82 20.31
N GLY C 223 -7.94 -6.94 20.00
CA GLY C 223 -8.92 -6.48 21.00
C GLY C 223 -8.32 -5.69 22.16
N ARG C 224 -7.21 -4.99 21.89
CA ARG C 224 -6.57 -4.17 22.92
C ARG C 224 -5.80 -3.03 22.31
N VAL C 225 -5.50 -2.03 23.13
CA VAL C 225 -4.50 -1.03 22.75
C VAL C 225 -3.10 -1.59 23.04
N GLY C 226 -2.08 -0.93 22.48
CA GLY C 226 -0.69 -1.31 22.73
C GLY C 226 -0.14 -0.61 23.96
N GLN C 227 1.02 -1.09 24.43
CA GLN C 227 1.77 -0.45 25.50
C GLN C 227 3.06 0.16 24.94
N PRO C 228 3.55 1.26 25.55
CA PRO C 228 4.75 1.92 25.01
C PRO C 228 5.94 0.98 24.77
N ASP C 229 6.12 0.01 25.66
CA ASP C 229 7.26 -0.90 25.52
C ASP C 229 7.19 -1.75 24.24
N GLU C 230 5.98 -1.98 23.73
CA GLU C 230 5.80 -2.77 22.52
C GLU C 230 6.24 -2.01 21.29
N VAL C 231 6.10 -0.68 21.32
CA VAL C 231 6.64 0.15 20.23
C VAL C 231 8.17 0.28 20.36
N ALA C 232 8.63 0.50 21.59
CA ALA C 232 10.06 0.66 21.88
C ALA C 232 10.87 -0.55 21.41
N SER C 233 10.30 -1.76 21.60
CA SER C 233 11.00 -2.97 21.15
C SER C 233 11.29 -2.94 19.64
N VAL C 234 10.30 -2.50 18.86
CA VAL C 234 10.48 -2.45 17.40
C VAL C 234 11.47 -1.35 17.02
N VAL C 235 11.35 -0.20 17.67
CA VAL C 235 12.26 0.92 17.45
C VAL C 235 13.72 0.52 17.70
N GLN C 236 13.97 -0.16 18.82
CA GLN C 236 15.32 -0.62 19.19
C GLN C 236 15.81 -1.58 18.13
N PHE C 237 14.94 -2.49 17.68
CA PHE C 237 15.34 -3.44 16.64
C PHE C 237 15.78 -2.70 15.38
N LEU C 238 14.94 -1.77 14.94
CA LEU C 238 15.21 -0.98 13.73
C LEU C 238 16.45 -0.12 13.81
N ALA C 239 16.83 0.27 15.02
CA ALA C 239 18.03 1.06 15.27
C ALA C 239 19.32 0.21 15.24
N SER C 240 19.16 -1.10 15.29
CA SER C 240 20.28 -2.03 15.47
C SER C 240 20.72 -2.62 14.15
N ASP C 241 21.94 -3.18 14.15
CA ASP C 241 22.48 -3.88 12.99
C ASP C 241 21.65 -5.10 12.56
N ALA C 242 20.80 -5.62 13.46
CA ALA C 242 19.93 -6.73 13.08
C ALA C 242 19.02 -6.29 11.93
N ALA C 243 18.72 -4.99 11.85
CA ALA C 243 17.89 -4.42 10.79
C ALA C 243 18.71 -3.86 9.61
N SER C 244 19.89 -4.44 9.38
CA SER C 244 20.83 -3.93 8.36
C SER C 244 20.25 -3.86 6.94
N LEU C 245 19.32 -4.74 6.61
CA LEU C 245 18.78 -4.73 5.25
C LEU C 245 17.49 -3.88 5.12
N MET C 246 17.06 -3.29 6.24
CA MET C 246 15.81 -2.51 6.23
C MET C 246 16.06 -1.02 6.11
N THR C 247 15.59 -0.43 5.01
CA THR C 247 15.51 1.01 4.91
C THR C 247 14.29 1.45 4.08
N GLY C 248 13.75 2.60 4.45
CA GLY C 248 12.50 3.12 3.84
C GLY C 248 11.26 2.31 4.19
N ALA C 249 11.36 1.43 5.19
CA ALA C 249 10.21 0.60 5.60
C ALA C 249 9.30 1.37 6.55
N ILE C 250 8.01 1.31 6.28
CA ILE C 250 6.98 1.76 7.22
C ILE C 250 6.48 0.50 7.92
N VAL C 251 6.90 0.32 9.17
CA VAL C 251 6.72 -0.96 9.84
C VAL C 251 5.42 -0.86 10.64
N ASN C 252 4.45 -1.69 10.29
CA ASN C 252 3.18 -1.69 11.02
C ASN C 252 3.29 -2.35 12.39
N VAL C 253 2.94 -1.62 13.44
CA VAL C 253 3.01 -2.15 14.82
C VAL C 253 1.63 -1.87 15.43
N ASP C 254 0.61 -2.59 14.98
CA ASP C 254 -0.75 -2.04 15.18
C ASP C 254 -1.79 -3.05 15.62
N ALA C 255 -1.34 -4.19 16.16
CA ALA C 255 -2.27 -5.18 16.71
C ALA C 255 -3.27 -5.68 15.64
N GLY C 256 -2.91 -5.49 14.39
CA GLY C 256 -3.72 -5.89 13.25
C GLY C 256 -4.77 -4.87 12.82
N PHE C 257 -4.70 -3.65 13.36
CA PHE C 257 -5.75 -2.67 13.11
C PHE C 257 -5.90 -2.40 11.59
N THR C 258 -4.78 -2.27 10.89
CA THR C 258 -4.79 -1.99 9.44
C THR C 258 -5.12 -3.22 8.60
N VAL C 259 -5.23 -4.38 9.24
CA VAL C 259 -5.54 -5.64 8.50
C VAL C 259 -7.01 -5.70 8.09
N TRP C 260 -7.88 -5.23 8.98
CA TRP C 260 -9.30 -5.17 8.69
C TRP C 260 -9.64 -3.93 7.85
N MET D 4 -13.28 15.97 -27.74
CA MET D 4 -12.11 15.06 -27.57
C MET D 4 -12.25 14.20 -26.30
N TYR D 5 -12.47 14.84 -25.15
CA TYR D 5 -12.51 14.10 -23.88
C TYR D 5 -13.65 13.08 -23.80
N MET D 6 -14.83 13.44 -24.32
CA MET D 6 -15.98 12.53 -24.28
C MET D 6 -15.82 11.37 -25.29
N GLU D 7 -15.23 11.67 -26.46
CA GLU D 7 -14.97 10.63 -27.45
C GLU D 7 -13.99 9.56 -26.95
N LYS D 8 -13.07 9.93 -26.04
CA LYS D 8 -12.14 8.95 -25.43
C LYS D 8 -12.86 7.84 -24.66
N LEU D 9 -14.08 8.12 -24.22
CA LEU D 9 -14.83 7.15 -23.42
C LEU D 9 -15.54 6.10 -24.29
N ARG D 10 -15.55 6.31 -25.61
CA ARG D 10 -16.24 5.41 -26.54
C ARG D 10 -15.47 4.13 -26.85
N LEU D 11 -16.20 3.04 -27.03
CA LEU D 11 -15.61 1.75 -27.38
C LEU D 11 -16.17 1.20 -28.70
N ASP D 12 -16.60 2.09 -29.60
CA ASP D 12 -17.31 1.64 -30.80
C ASP D 12 -16.53 0.59 -31.58
N ASN D 13 -17.21 -0.52 -31.85
CA ASN D 13 -16.72 -1.61 -32.69
C ASN D 13 -15.53 -2.40 -32.13
N ARG D 14 -15.16 -2.14 -30.88
CA ARG D 14 -14.11 -2.92 -30.22
C ARG D 14 -14.70 -4.20 -29.67
N VAL D 15 -13.92 -5.29 -29.74
CA VAL D 15 -14.40 -6.60 -29.30
C VAL D 15 -14.00 -6.85 -27.84
N ALA D 16 -14.99 -7.12 -26.99
CA ALA D 16 -14.74 -7.39 -25.57
C ALA D 16 -15.25 -8.77 -25.18
N ILE D 17 -14.42 -9.55 -24.50
CA ILE D 17 -14.85 -10.78 -23.85
C ILE D 17 -14.97 -10.52 -22.35
N VAL D 18 -16.09 -10.92 -21.77
CA VAL D 18 -16.29 -10.75 -20.34
C VAL D 18 -16.47 -12.13 -19.72
N THR D 19 -15.50 -12.58 -18.93
CA THR D 19 -15.66 -13.90 -18.29
C THR D 19 -16.56 -13.69 -17.11
N GLY D 20 -17.36 -14.71 -16.77
CA GLY D 20 -18.41 -14.58 -15.76
C GLY D 20 -19.44 -13.52 -16.14
N GLY D 21 -19.68 -13.33 -17.44
CA GLY D 21 -20.50 -12.20 -17.89
C GLY D 21 -22.01 -12.39 -17.89
N ALA D 22 -22.51 -13.56 -17.48
CA ALA D 22 -23.94 -13.86 -17.63
C ALA D 22 -24.83 -13.27 -16.53
N GLN D 23 -24.24 -12.93 -15.38
CA GLN D 23 -24.99 -12.40 -14.24
C GLN D 23 -24.22 -11.36 -13.45
N ASN D 24 -24.95 -10.61 -12.62
CA ASN D 24 -24.33 -9.78 -11.58
C ASN D 24 -23.29 -8.80 -12.11
N ILE D 25 -22.11 -8.74 -11.52
CA ILE D 25 -21.12 -7.72 -11.94
C ILE D 25 -20.75 -7.93 -13.41
N GLY D 26 -20.60 -9.19 -13.80
CA GLY D 26 -20.17 -9.50 -15.16
C GLY D 26 -21.20 -8.96 -16.14
N LEU D 27 -22.47 -9.16 -15.82
CA LEU D 27 -23.54 -8.74 -16.73
C LEU D 27 -23.60 -7.23 -16.80
N ALA D 28 -23.36 -6.57 -15.67
CA ALA D 28 -23.35 -5.12 -15.64
C ALA D 28 -22.20 -4.61 -16.51
N CYS D 29 -21.05 -5.26 -16.42
CA CYS D 29 -19.89 -4.89 -17.26
C CYS D 29 -20.22 -5.07 -18.74
N VAL D 30 -20.85 -6.19 -19.08
CA VAL D 30 -21.30 -6.46 -20.46
C VAL D 30 -22.16 -5.29 -20.95
N THR D 31 -23.12 -4.88 -20.12
CA THR D 31 -24.07 -3.84 -20.48
C THR D 31 -23.37 -2.49 -20.72
N ALA D 32 -22.46 -2.14 -19.80
CA ALA D 32 -21.72 -0.88 -19.88
C ALA D 32 -20.87 -0.83 -21.14
N LEU D 33 -20.16 -1.92 -21.43
CA LEU D 33 -19.35 -2.01 -22.63
C LEU D 33 -20.19 -1.85 -23.89
N ALA D 34 -21.32 -2.54 -23.92
CA ALA D 34 -22.22 -2.48 -25.07
C ALA D 34 -22.80 -1.09 -25.25
N GLU D 35 -23.15 -0.44 -24.13
CA GLU D 35 -23.68 0.92 -24.20
C GLU D 35 -22.62 1.91 -24.72
N ALA D 36 -21.35 1.59 -24.50
CA ALA D 36 -20.25 2.39 -25.03
C ALA D 36 -19.90 2.03 -26.48
N GLY D 37 -20.64 1.06 -27.04
CA GLY D 37 -20.52 0.69 -28.46
C GLY D 37 -19.71 -0.55 -28.77
N ALA D 38 -19.25 -1.26 -27.73
CA ALA D 38 -18.44 -2.48 -27.96
C ALA D 38 -19.27 -3.65 -28.47
N ARG D 39 -18.59 -4.54 -29.21
CA ARG D 39 -19.07 -5.86 -29.57
C ARG D 39 -18.72 -6.76 -28.39
N VAL D 40 -19.71 -7.34 -27.70
CA VAL D 40 -19.39 -8.02 -26.43
C VAL D 40 -19.72 -9.51 -26.50
N ILE D 41 -18.82 -10.34 -25.98
CA ILE D 41 -19.09 -11.77 -25.87
C ILE D 41 -19.09 -12.15 -24.38
N ILE D 42 -20.23 -12.68 -23.93
CA ILE D 42 -20.32 -13.25 -22.59
C ILE D 42 -19.65 -14.63 -22.61
N ALA D 43 -18.61 -14.81 -21.78
CA ALA D 43 -17.94 -16.10 -21.67
C ALA D 43 -18.25 -16.62 -20.27
N ASP D 44 -19.06 -17.68 -20.17
CA ASP D 44 -19.46 -18.14 -18.85
C ASP D 44 -19.62 -19.66 -18.83
N LEU D 45 -19.64 -20.21 -17.61
CA LEU D 45 -19.68 -21.66 -17.40
C LEU D 45 -20.90 -22.30 -18.04
N ASP D 46 -22.05 -21.65 -17.88
CA ASP D 46 -23.31 -22.28 -18.28
C ASP D 46 -23.93 -21.61 -19.50
N GLU D 47 -24.33 -22.43 -20.47
CA GLU D 47 -24.81 -21.98 -21.77
C GLU D 47 -26.20 -21.32 -21.69
N ALA D 48 -27.11 -21.96 -20.97
CA ALA D 48 -28.50 -21.43 -20.85
C ALA D 48 -28.55 -20.07 -20.15
N MET D 49 -27.74 -19.90 -19.11
CA MET D 49 -27.66 -18.62 -18.40
C MET D 49 -27.13 -17.47 -19.31
N ALA D 50 -26.13 -17.78 -20.10
CA ALA D 50 -25.52 -16.77 -20.98
C ALA D 50 -26.52 -16.42 -22.11
N THR D 51 -27.17 -17.44 -22.64
CA THR D 51 -28.16 -17.28 -23.73
C THR D 51 -29.29 -16.33 -23.34
N LYS D 52 -29.85 -16.51 -22.14
CA LYS D 52 -30.86 -15.61 -21.59
C LYS D 52 -30.42 -14.14 -21.64
N ALA D 53 -29.17 -13.91 -21.20
CA ALA D 53 -28.63 -12.56 -21.14
C ALA D 53 -28.48 -11.99 -22.56
N VAL D 54 -27.99 -12.83 -23.47
CA VAL D 54 -27.82 -12.42 -24.88
C VAL D 54 -29.15 -11.97 -25.49
N GLU D 55 -30.17 -12.80 -25.30
CA GLU D 55 -31.50 -12.48 -25.80
C GLU D 55 -32.02 -11.14 -25.30
N ASP D 56 -31.84 -10.89 -24.01
CA ASP D 56 -32.29 -9.65 -23.38
C ASP D 56 -31.56 -8.43 -23.95
N LEU D 57 -30.25 -8.57 -24.14
CA LEU D 57 -29.42 -7.47 -24.65
C LEU D 57 -29.66 -7.21 -26.13
N ARG D 58 -29.85 -8.28 -26.91
CA ARG D 58 -30.21 -8.13 -28.33
C ARG D 58 -31.55 -7.43 -28.52
N MET D 59 -32.47 -7.59 -27.56
CA MET D 59 -33.75 -6.90 -27.62
C MET D 59 -33.54 -5.39 -27.53
N GLU D 60 -32.44 -4.97 -26.90
CA GLU D 60 -32.11 -3.56 -26.78
C GLU D 60 -31.26 -3.07 -27.96
N GLY D 61 -30.98 -3.97 -28.91
CA GLY D 61 -30.20 -3.62 -30.10
C GLY D 61 -28.69 -3.75 -29.92
N HIS D 62 -28.26 -4.30 -28.79
CA HIS D 62 -26.82 -4.42 -28.52
C HIS D 62 -26.23 -5.60 -29.26
N ASP D 63 -24.96 -5.45 -29.63
CA ASP D 63 -24.22 -6.47 -30.35
C ASP D 63 -23.54 -7.38 -29.33
N VAL D 64 -24.29 -8.38 -28.87
CA VAL D 64 -23.82 -9.25 -27.77
C VAL D 64 -24.04 -10.70 -28.17
N SER D 65 -23.07 -11.55 -27.84
CA SER D 65 -23.16 -12.98 -28.08
C SER D 65 -22.57 -13.70 -26.87
N SER D 66 -22.49 -15.03 -26.92
CA SER D 66 -21.90 -15.76 -25.80
C SER D 66 -21.13 -17.01 -26.25
N VAL D 67 -20.33 -17.53 -25.33
CA VAL D 67 -19.54 -18.75 -25.57
C VAL D 67 -19.42 -19.43 -24.21
N VAL D 68 -19.44 -20.76 -24.20
CA VAL D 68 -19.23 -21.51 -22.96
C VAL D 68 -17.74 -21.49 -22.62
N MET D 69 -17.41 -21.09 -21.40
CA MET D 69 -16.03 -21.12 -20.95
C MET D 69 -15.98 -21.57 -19.50
N ASP D 70 -15.21 -22.61 -19.25
CA ASP D 70 -15.01 -23.10 -17.87
C ASP D 70 -13.58 -22.71 -17.51
N VAL D 71 -13.42 -21.73 -16.63
CA VAL D 71 -12.08 -21.18 -16.33
C VAL D 71 -11.16 -22.11 -15.51
N THR D 72 -11.68 -23.25 -15.06
CA THR D 72 -10.82 -24.29 -14.44
C THR D 72 -10.14 -25.15 -15.50
N ASN D 73 -10.55 -24.99 -16.74
CA ASN D 73 -10.16 -25.90 -17.81
C ASN D 73 -9.48 -25.15 -18.96
N THR D 74 -8.17 -25.34 -19.09
CA THR D 74 -7.38 -24.66 -20.13
C THR D 74 -7.92 -24.89 -21.54
N GLU D 75 -8.29 -26.14 -21.86
CA GLU D 75 -8.85 -26.42 -23.18
C GLU D 75 -10.12 -25.64 -23.44
N SER D 76 -11.02 -25.62 -22.45
CA SER D 76 -12.25 -24.81 -22.55
C SER D 76 -11.99 -23.32 -22.82
N VAL D 77 -11.06 -22.75 -22.06
CA VAL D 77 -10.68 -21.35 -22.18
C VAL D 77 -10.07 -21.09 -23.55
N GLN D 78 -9.09 -21.91 -23.96
CA GLN D 78 -8.42 -21.72 -25.25
C GLN D 78 -9.42 -21.84 -26.41
N ASN D 79 -10.29 -22.84 -26.33
CA ASN D 79 -11.30 -23.05 -27.37
C ASN D 79 -12.29 -21.88 -27.47
N ALA D 80 -12.73 -21.38 -26.31
CA ALA D 80 -13.68 -20.27 -26.28
C ALA D 80 -13.06 -19.00 -26.87
N VAL D 81 -11.83 -18.70 -26.46
CA VAL D 81 -11.09 -17.55 -26.99
C VAL D 81 -10.83 -17.69 -28.49
N ARG D 82 -10.38 -18.87 -28.93
CA ARG D 82 -10.21 -19.12 -30.35
C ARG D 82 -11.53 -18.91 -31.10
N SER D 83 -12.64 -19.38 -30.55
CA SER D 83 -13.95 -19.24 -31.23
C SER D 83 -14.30 -17.75 -31.45
N VAL D 84 -14.10 -16.94 -30.42
CA VAL D 84 -14.33 -15.49 -30.53
C VAL D 84 -13.41 -14.88 -31.60
N HIS D 85 -12.13 -15.22 -31.55
CA HIS D 85 -11.15 -14.70 -32.54
C HIS D 85 -11.58 -15.05 -33.96
N GLU D 86 -11.99 -16.31 -34.16
CA GLU D 86 -12.41 -16.76 -35.49
C GLU D 86 -13.70 -16.09 -35.96
N GLN D 87 -14.58 -15.75 -35.03
CA GLN D 87 -15.88 -15.16 -35.37
C GLN D 87 -15.80 -13.64 -35.51
N GLU D 88 -14.88 -13.01 -34.78
CA GLU D 88 -14.80 -11.54 -34.72
C GLU D 88 -13.54 -10.93 -35.34
N GLY D 89 -12.47 -11.71 -35.43
CA GLY D 89 -11.25 -11.23 -36.11
C GLY D 89 -10.27 -10.49 -35.21
N ARG D 90 -10.70 -10.15 -34.00
CA ARG D 90 -9.85 -9.46 -33.02
C ARG D 90 -10.42 -9.58 -31.62
N VAL D 91 -9.57 -9.33 -30.61
CA VAL D 91 -10.06 -9.21 -29.22
C VAL D 91 -9.37 -7.97 -28.65
N ASP D 92 -10.15 -6.94 -28.35
CA ASP D 92 -9.63 -5.64 -27.89
C ASP D 92 -9.59 -5.48 -26.40
N ILE D 93 -10.52 -6.17 -25.73
CA ILE D 93 -10.77 -5.97 -24.30
C ILE D 93 -11.10 -7.32 -23.67
N LEU D 94 -10.49 -7.59 -22.51
CA LEU D 94 -10.94 -8.70 -21.65
C LEU D 94 -11.34 -8.11 -20.30
N VAL D 95 -12.57 -8.37 -19.87
CA VAL D 95 -12.95 -8.09 -18.49
C VAL D 95 -13.10 -9.46 -17.81
N ALA D 96 -12.25 -9.72 -16.81
CA ALA D 96 -12.18 -11.06 -16.20
C ALA D 96 -12.94 -11.03 -14.88
N CYS D 97 -14.18 -11.50 -14.89
CA CYS D 97 -15.03 -11.46 -13.69
C CYS D 97 -15.25 -12.82 -13.08
N ALA D 98 -14.90 -13.88 -13.81
CA ALA D 98 -15.18 -15.24 -13.31
C ALA D 98 -14.52 -15.42 -11.95
N GLY D 99 -15.30 -15.90 -10.98
CA GLY D 99 -14.76 -16.12 -9.66
C GLY D 99 -15.81 -16.68 -8.74
N ILE D 100 -15.34 -17.21 -7.61
CA ILE D 100 -16.23 -17.70 -6.57
C ILE D 100 -15.71 -17.25 -5.22
N CYS D 101 -16.60 -17.28 -4.22
CA CYS D 101 -16.23 -16.96 -2.84
C CYS D 101 -16.84 -18.01 -1.89
N ILE D 102 -15.96 -18.83 -1.30
CA ILE D 102 -16.41 -19.76 -0.26
C ILE D 102 -16.10 -19.10 1.07
N SER D 103 -17.15 -18.73 1.78
CA SER D 103 -17.01 -17.88 2.95
C SER D 103 -17.63 -18.49 4.19
N GLU D 104 -17.34 -17.89 5.33
CA GLU D 104 -17.69 -18.42 6.66
C GLU D 104 -17.09 -19.81 6.85
N VAL D 105 -15.88 -20.00 6.35
CA VAL D 105 -15.12 -21.24 6.57
C VAL D 105 -13.80 -20.82 7.24
N LYS D 106 -13.63 -21.25 8.49
CA LYS D 106 -12.48 -20.86 9.30
C LYS D 106 -11.22 -21.47 8.73
N ALA D 107 -10.10 -20.78 8.90
CA ALA D 107 -8.84 -21.20 8.29
C ALA D 107 -8.42 -22.58 8.78
N GLU D 108 -8.75 -22.89 10.03
CA GLU D 108 -8.40 -24.17 10.65
C GLU D 108 -9.34 -25.30 10.16
N ASP D 109 -10.43 -24.94 9.48
CA ASP D 109 -11.42 -25.91 9.03
C ASP D 109 -11.40 -26.18 7.54
N MET D 110 -10.93 -25.21 6.77
CA MET D 110 -11.07 -25.28 5.31
C MET D 110 -10.44 -26.55 4.76
N THR D 111 -11.18 -27.25 3.89
CA THR D 111 -10.67 -28.48 3.29
C THR D 111 -9.74 -28.13 2.13
N ASP D 112 -8.89 -29.08 1.75
CA ASP D 112 -8.05 -28.91 0.54
C ASP D 112 -8.92 -28.61 -0.67
N GLY D 113 -10.03 -29.34 -0.81
CA GLY D 113 -10.92 -29.13 -1.96
C GLY D 113 -11.40 -27.68 -2.05
N GLN D 114 -11.81 -27.12 -0.92
CA GLN D 114 -12.27 -25.72 -0.85
C GLN D 114 -11.18 -24.72 -1.19
N TRP D 115 -10.03 -24.88 -0.54
CA TRP D 115 -8.87 -24.03 -0.83
C TRP D 115 -8.55 -24.09 -2.33
N LEU D 116 -8.35 -25.31 -2.84
CA LEU D 116 -7.82 -25.47 -4.20
C LEU D 116 -8.80 -24.98 -5.25
N LYS D 117 -10.09 -25.21 -5.04
CA LYS D 117 -11.10 -24.77 -6.02
C LYS D 117 -11.12 -23.24 -6.14
N GLN D 118 -11.00 -22.61 -4.99
CA GLN D 118 -11.04 -21.14 -4.97
C GLN D 118 -9.83 -20.56 -5.66
N VAL D 119 -8.65 -21.09 -5.36
CA VAL D 119 -7.44 -20.69 -6.06
C VAL D 119 -7.55 -21.02 -7.57
N ASP D 120 -8.15 -22.16 -7.91
CA ASP D 120 -8.18 -22.59 -9.30
C ASP D 120 -9.08 -21.69 -10.15
N ILE D 121 -10.27 -21.38 -9.65
CA ILE D 121 -11.17 -20.51 -10.40
C ILE D 121 -10.65 -19.06 -10.43
N ASN D 122 -10.31 -18.52 -9.25
CA ASN D 122 -10.09 -17.07 -9.11
C ASN D 122 -8.75 -16.67 -9.66
N LEU D 123 -7.74 -17.50 -9.38
CA LEU D 123 -6.35 -17.17 -9.70
C LEU D 123 -5.81 -17.95 -10.91
N ASN D 124 -5.83 -19.27 -10.84
CA ASN D 124 -5.41 -20.04 -12.02
C ASN D 124 -6.29 -19.70 -13.24
N GLY D 125 -7.58 -19.52 -13.03
CA GLY D 125 -8.50 -19.14 -14.13
C GLY D 125 -8.17 -17.76 -14.69
N MET D 126 -7.63 -16.87 -13.85
CA MET D 126 -7.20 -15.56 -14.32
C MET D 126 -6.03 -15.73 -15.28
N PHE D 127 -5.05 -16.54 -14.88
CA PHE D 127 -3.91 -16.89 -15.75
C PHE D 127 -4.40 -17.49 -17.06
N ARG D 128 -5.33 -18.44 -16.99
CA ARG D 128 -5.79 -19.11 -18.22
C ARG D 128 -6.43 -18.11 -19.16
N SER D 129 -7.33 -17.29 -18.61
CA SER D 129 -8.07 -16.29 -19.38
C SER D 129 -7.12 -15.25 -19.95
N CYS D 130 -6.27 -14.68 -19.09
CA CYS D 130 -5.38 -13.60 -19.52
C CYS D 130 -4.32 -14.06 -20.51
N GLN D 131 -3.79 -15.27 -20.35
CA GLN D 131 -2.82 -15.74 -21.34
C GLN D 131 -3.44 -15.92 -22.71
N ALA D 132 -4.60 -16.58 -22.75
CA ALA D 132 -5.25 -16.91 -24.01
C ALA D 132 -5.59 -15.62 -24.76
N VAL D 133 -6.19 -14.65 -24.06
CA VAL D 133 -6.49 -13.37 -24.71
C VAL D 133 -5.23 -12.53 -25.00
N GLY D 134 -4.30 -12.56 -24.03
CA GLY D 134 -3.04 -11.79 -24.13
C GLY D 134 -2.24 -12.13 -25.37
N ARG D 135 -2.22 -13.41 -25.72
CA ARG D 135 -1.51 -13.84 -26.93
C ARG D 135 -2.02 -13.12 -28.19
N ILE D 136 -3.34 -13.00 -28.28
CA ILE D 136 -3.97 -12.28 -29.40
C ILE D 136 -3.64 -10.79 -29.35
N MET D 137 -3.73 -10.20 -28.16
CA MET D 137 -3.43 -8.78 -27.97
C MET D 137 -1.99 -8.44 -28.31
N LEU D 138 -1.07 -9.34 -27.97
CA LEU D 138 0.35 -9.17 -28.34
C LEU D 138 0.56 -9.18 -29.86
N GLU D 139 -0.14 -10.06 -30.57
CA GLU D 139 -0.10 -10.07 -32.04
C GLU D 139 -0.59 -8.72 -32.60
N GLN D 140 -1.67 -8.21 -32.00
CA GLN D 140 -2.29 -6.93 -32.40
C GLN D 140 -1.45 -5.73 -31.98
N LYS D 141 -0.54 -5.94 -31.02
CA LYS D 141 0.15 -4.83 -30.30
C LYS D 141 -0.87 -3.82 -29.75
N GLN D 142 -1.97 -4.35 -29.24
CA GLN D 142 -3.06 -3.51 -28.77
C GLN D 142 -4.03 -4.34 -27.96
N GLY D 143 -4.35 -3.86 -26.76
CA GLY D 143 -5.32 -4.60 -25.93
C GLY D 143 -5.45 -3.98 -24.57
N VAL D 144 -6.56 -4.27 -23.91
CA VAL D 144 -6.74 -3.86 -22.52
C VAL D 144 -7.41 -4.94 -21.72
N ILE D 145 -6.89 -5.18 -20.52
CA ILE D 145 -7.46 -6.13 -19.60
C ILE D 145 -7.94 -5.37 -18.36
N VAL D 146 -9.13 -5.71 -17.89
CA VAL D 146 -9.60 -5.26 -16.58
C VAL D 146 -10.01 -6.49 -15.77
N ALA D 147 -9.34 -6.75 -14.65
CA ALA D 147 -9.74 -7.86 -13.79
C ALA D 147 -10.68 -7.36 -12.68
N ILE D 148 -11.66 -8.18 -12.31
CA ILE D 148 -12.43 -7.92 -11.12
C ILE D 148 -11.62 -8.51 -9.96
N GLY D 149 -10.91 -7.64 -9.26
CA GLY D 149 -10.23 -8.04 -8.03
C GLY D 149 -11.22 -7.94 -6.89
N SER D 150 -10.72 -7.49 -5.72
CA SER D 150 -11.55 -7.31 -4.54
C SER D 150 -10.79 -6.51 -3.49
N MET D 151 -11.52 -5.70 -2.73
CA MET D 151 -10.92 -5.14 -1.51
C MET D 151 -10.38 -6.27 -0.63
N SER D 152 -10.89 -7.49 -0.80
CA SER D 152 -10.36 -8.67 -0.04
C SER D 152 -8.89 -8.99 -0.35
N GLY D 153 -8.38 -8.51 -1.48
CA GLY D 153 -6.95 -8.64 -1.81
C GLY D 153 -6.08 -7.74 -0.94
N LEU D 154 -6.70 -6.70 -0.33
CA LEU D 154 -5.97 -5.67 0.42
C LEU D 154 -6.27 -5.73 1.92
N ILE D 155 -7.54 -5.91 2.27
CA ILE D 155 -7.95 -6.04 3.68
C ILE D 155 -8.64 -7.37 3.90
N VAL D 156 -8.85 -7.72 5.17
CA VAL D 156 -9.45 -9.00 5.51
C VAL D 156 -10.86 -8.72 6.01
N ASN D 157 -11.83 -9.29 5.30
CA ASN D 157 -13.24 -9.11 5.65
C ASN D 157 -13.58 -9.60 7.04
N ARG D 158 -14.62 -9.03 7.62
CA ARG D 158 -15.09 -9.52 8.92
C ARG D 158 -16.61 -9.40 9.04
N PRO D 159 -17.23 -10.31 9.80
CA PRO D 159 -16.62 -11.40 10.56
C PRO D 159 -16.39 -12.68 9.74
N GLN D 160 -16.83 -12.72 8.48
CA GLN D 160 -16.79 -13.95 7.70
C GLN D 160 -15.37 -14.35 7.33
N GLN D 161 -15.04 -15.63 7.58
CA GLN D 161 -13.69 -16.18 7.31
C GLN D 161 -13.65 -16.69 5.87
N GLN D 162 -12.58 -16.31 5.14
CA GLN D 162 -12.46 -16.66 3.71
C GLN D 162 -11.04 -16.44 3.23
N ALA D 163 -10.08 -17.04 3.93
CA ALA D 163 -8.67 -16.74 3.68
C ALA D 163 -8.23 -17.12 2.26
N ALA D 164 -8.81 -18.19 1.71
CA ALA D 164 -8.47 -18.60 0.34
C ALA D 164 -8.95 -17.57 -0.68
N TYR D 165 -10.15 -17.03 -0.47
CA TYR D 165 -10.65 -15.95 -1.33
C TYR D 165 -9.74 -14.73 -1.27
N ASN D 166 -9.45 -14.29 -0.04
CA ASN D 166 -8.58 -13.12 0.16
C ASN D 166 -7.23 -13.32 -0.53
N ALA D 167 -6.60 -14.47 -0.25
CA ALA D 167 -5.32 -14.80 -0.89
C ALA D 167 -5.43 -14.81 -2.41
N SER D 168 -6.47 -15.46 -2.95
CA SER D 168 -6.63 -15.57 -4.41
C SER D 168 -6.73 -14.20 -5.07
N LYS D 169 -7.44 -13.26 -4.42
CA LYS D 169 -7.64 -11.93 -5.01
C LYS D 169 -6.39 -11.07 -4.93
N ALA D 170 -5.62 -11.21 -3.84
CA ALA D 170 -4.30 -10.57 -3.80
C ALA D 170 -3.41 -11.08 -4.94
N GLY D 171 -3.49 -12.41 -5.17
CA GLY D 171 -2.80 -13.08 -6.28
C GLY D 171 -3.23 -12.46 -7.60
N VAL D 172 -4.54 -12.28 -7.79
CA VAL D 172 -5.07 -11.66 -9.02
C VAL D 172 -4.48 -10.26 -9.20
N HIS D 173 -4.54 -9.44 -8.14
CA HIS D 173 -3.97 -8.08 -8.23
C HIS D 173 -2.53 -8.09 -8.74
N GLN D 174 -1.69 -8.92 -8.12
CA GLN D 174 -0.26 -8.86 -8.44
C GLN D 174 0.05 -9.58 -9.78
N TYR D 175 -0.76 -10.57 -10.14
CA TYR D 175 -0.64 -11.16 -11.50
C TYR D 175 -0.95 -10.09 -12.57
N ILE D 176 -2.03 -9.32 -12.38
CA ILE D 176 -2.42 -8.26 -13.31
C ILE D 176 -1.32 -7.19 -13.40
N ARG D 177 -0.74 -6.85 -12.26
CA ARG D 177 0.37 -5.89 -12.26
C ARG D 177 1.60 -6.44 -13.01
N SER D 178 1.86 -7.74 -12.87
CA SER D 178 2.94 -8.40 -13.63
C SER D 178 2.69 -8.33 -15.15
N LEU D 179 1.46 -8.62 -15.56
CA LEU D 179 1.08 -8.47 -16.98
C LEU D 179 1.25 -7.02 -17.43
N ALA D 180 0.80 -6.08 -16.60
CA ALA D 180 0.96 -4.65 -16.93
C ALA D 180 2.43 -4.35 -17.23
N ALA D 181 3.34 -4.82 -16.37
CA ALA D 181 4.76 -4.53 -16.55
C ALA D 181 5.32 -5.20 -17.80
N GLU D 182 5.01 -6.48 -17.98
CA GLU D 182 5.55 -7.26 -19.12
C GLU D 182 5.04 -6.76 -20.47
N TRP D 183 3.77 -6.37 -20.50
CA TRP D 183 3.11 -6.09 -21.78
C TRP D 183 2.98 -4.59 -22.09
N ALA D 184 3.40 -3.72 -21.17
CA ALA D 184 3.33 -2.26 -21.41
C ALA D 184 4.01 -1.79 -22.70
N PRO D 185 5.22 -2.32 -23.01
CA PRO D 185 5.88 -1.89 -24.27
C PRO D 185 5.16 -2.32 -25.55
N HIS D 186 4.16 -3.19 -25.41
CA HIS D 186 3.46 -3.80 -26.55
C HIS D 186 2.04 -3.31 -26.75
N GLY D 187 1.73 -2.14 -26.20
CA GLY D 187 0.44 -1.50 -26.47
C GLY D 187 -0.73 -2.07 -25.67
N ILE D 188 -0.42 -2.82 -24.61
CA ILE D 188 -1.43 -3.46 -23.78
C ILE D 188 -1.44 -2.77 -22.42
N ARG D 189 -2.64 -2.53 -21.88
CA ARG D 189 -2.78 -2.09 -20.48
C ARG D 189 -3.53 -3.13 -19.68
N ALA D 190 -3.24 -3.22 -18.37
CA ALA D 190 -3.91 -4.19 -17.52
C ALA D 190 -4.09 -3.57 -16.14
N ASN D 191 -5.34 -3.49 -15.68
CA ASN D 191 -5.67 -2.92 -14.38
C ASN D 191 -6.70 -3.81 -13.69
N ALA D 192 -6.90 -3.61 -12.40
CA ALA D 192 -7.96 -4.34 -11.65
C ALA D 192 -8.78 -3.35 -10.86
N VAL D 193 -10.07 -3.67 -10.66
CA VAL D 193 -10.89 -2.95 -9.67
C VAL D 193 -10.98 -3.80 -8.40
N ALA D 194 -11.06 -3.12 -7.26
CA ALA D 194 -11.11 -3.78 -5.95
C ALA D 194 -12.37 -3.30 -5.24
N PRO D 195 -13.51 -3.91 -5.54
CA PRO D 195 -14.80 -3.46 -4.96
C PRO D 195 -15.02 -3.83 -3.51
N THR D 196 -15.91 -3.08 -2.89
CA THR D 196 -16.52 -3.49 -1.62
C THR D 196 -17.65 -4.49 -1.90
N TYR D 197 -18.45 -4.80 -0.88
CA TYR D 197 -19.62 -5.64 -1.04
C TYR D 197 -20.54 -5.06 -2.08
N ILE D 198 -20.96 -5.91 -3.01
CA ILE D 198 -21.89 -5.53 -4.08
C ILE D 198 -23.13 -6.41 -3.95
N GLU D 199 -24.31 -5.79 -4.00
CA GLU D 199 -25.56 -6.55 -3.95
C GLU D 199 -25.72 -7.38 -5.22
N THR D 200 -25.75 -8.70 -5.05
CA THR D 200 -25.91 -9.62 -6.19
C THR D 200 -26.85 -10.75 -5.81
N THR D 201 -27.17 -11.62 -6.76
CA THR D 201 -27.97 -12.81 -6.46
C THR D 201 -27.28 -13.70 -5.42
N LEU D 202 -25.96 -13.66 -5.37
CA LEU D 202 -25.19 -14.49 -4.43
C LEU D 202 -24.94 -13.83 -3.07
N THR D 203 -24.72 -12.52 -3.05
CA THR D 203 -24.47 -11.81 -1.79
C THR D 203 -25.76 -11.46 -1.04
N ARG D 204 -26.90 -11.65 -1.69
CA ARG D 204 -28.21 -11.42 -1.06
C ARG D 204 -28.35 -12.19 0.25
N PHE D 205 -27.91 -13.46 0.26
CA PHE D 205 -28.03 -14.34 1.43
C PHE D 205 -27.28 -13.79 2.64
N GLY D 206 -26.08 -13.25 2.41
CA GLY D 206 -25.31 -12.61 3.46
C GLY D 206 -25.95 -11.32 3.94
N MET D 207 -26.44 -10.55 2.97
CA MET D 207 -27.09 -9.27 3.27
C MET D 207 -28.34 -9.43 4.16
N GLU D 208 -28.95 -10.61 4.12
CA GLU D 208 -30.11 -10.92 4.96
C GLU D 208 -29.74 -11.55 6.30
N LYS D 209 -28.44 -11.70 6.56
CA LYS D 209 -27.95 -12.18 7.85
C LYS D 209 -27.41 -10.99 8.64
N PRO D 210 -28.20 -10.50 9.61
CA PRO D 210 -27.80 -9.29 10.36
C PRO D 210 -26.36 -9.30 10.93
N GLU D 211 -25.92 -10.44 11.47
CA GLU D 211 -24.55 -10.56 11.99
C GLU D 211 -23.52 -10.18 10.93
N LEU D 212 -23.84 -10.44 9.65
CA LEU D 212 -22.92 -10.09 8.57
C LEU D 212 -23.19 -8.67 8.08
N TYR D 213 -24.41 -8.44 7.60
CA TYR D 213 -24.77 -7.17 6.97
C TYR D 213 -24.48 -5.96 7.88
N ASP D 214 -24.87 -6.06 9.16
CA ASP D 214 -24.66 -4.95 10.08
C ASP D 214 -23.19 -4.59 10.23
N ALA D 215 -22.33 -5.62 10.25
CA ALA D 215 -20.90 -5.38 10.36
C ALA D 215 -20.39 -4.70 9.09
N TRP D 216 -20.88 -5.14 7.93
CA TRP D 216 -20.40 -4.59 6.66
C TRP D 216 -20.76 -3.11 6.59
N ILE D 217 -22.01 -2.78 6.93
CA ILE D 217 -22.47 -1.40 6.89
C ILE D 217 -21.68 -0.53 7.87
N ALA D 218 -21.50 -1.04 9.08
CA ALA D 218 -20.77 -0.32 10.12
C ALA D 218 -19.30 -0.07 9.73
N GLY D 219 -18.74 -0.96 8.90
CA GLY D 219 -17.38 -0.82 8.41
C GLY D 219 -17.22 0.10 7.20
N THR D 220 -18.33 0.60 6.67
CA THR D 220 -18.34 1.36 5.42
C THR D 220 -18.65 2.85 5.64
N PRO D 221 -17.70 3.75 5.29
CA PRO D 221 -17.98 5.19 5.45
C PRO D 221 -19.29 5.65 4.79
N MET D 222 -19.54 5.21 3.56
CA MET D 222 -20.80 5.51 2.87
C MET D 222 -22.03 4.84 3.49
N GLY D 223 -21.80 3.86 4.38
CA GLY D 223 -22.90 3.21 5.09
C GLY D 223 -23.81 2.39 4.20
N ARG D 224 -23.25 1.83 3.12
CA ARG D 224 -24.05 1.03 2.19
C ARG D 224 -23.17 0.05 1.43
N VAL D 225 -23.81 -0.98 0.88
CA VAL D 225 -23.11 -1.83 -0.11
C VAL D 225 -23.21 -1.14 -1.47
N GLY D 226 -22.42 -1.60 -2.43
CA GLY D 226 -22.49 -1.10 -3.80
C GLY D 226 -23.47 -1.87 -4.65
N GLN D 227 -23.78 -1.31 -5.82
CA GLN D 227 -24.59 -1.96 -6.83
C GLN D 227 -23.70 -2.33 -8.05
N PRO D 228 -24.06 -3.42 -8.76
CA PRO D 228 -23.22 -3.85 -9.91
C PRO D 228 -22.85 -2.73 -10.90
N ASP D 229 -23.82 -1.85 -11.24
CA ASP D 229 -23.55 -0.77 -12.22
C ASP D 229 -22.40 0.17 -11.78
N GLU D 230 -22.18 0.29 -10.48
CA GLU D 230 -21.15 1.19 -9.95
C GLU D 230 -19.76 0.60 -10.20
N VAL D 231 -19.67 -0.72 -10.20
CA VAL D 231 -18.42 -1.41 -10.55
C VAL D 231 -18.23 -1.37 -12.08
N ALA D 232 -19.30 -1.68 -12.81
CA ALA D 232 -19.27 -1.65 -14.27
C ALA D 232 -18.81 -0.30 -14.84
N SER D 233 -19.21 0.81 -14.23
CA SER D 233 -18.84 2.15 -14.73
C SER D 233 -17.30 2.29 -14.68
N VAL D 234 -16.70 1.80 -13.59
CA VAL D 234 -15.24 1.95 -13.44
C VAL D 234 -14.53 1.02 -14.43
N VAL D 235 -15.06 -0.19 -14.58
CA VAL D 235 -14.50 -1.17 -15.54
C VAL D 235 -14.57 -0.57 -16.95
N GLN D 236 -15.72 0.00 -17.33
CA GLN D 236 -15.86 0.57 -18.67
C GLN D 236 -14.85 1.70 -18.89
N PHE D 237 -14.64 2.54 -17.88
CA PHE D 237 -13.67 3.64 -17.98
C PHE D 237 -12.27 3.10 -18.20
N LEU D 238 -11.90 2.13 -17.38
CA LEU D 238 -10.57 1.52 -17.45
C LEU D 238 -10.31 0.83 -18.79
N ALA D 239 -11.38 0.37 -19.43
CA ALA D 239 -11.27 -0.31 -20.72
C ALA D 239 -11.09 0.68 -21.87
N SER D 240 -11.35 1.95 -21.59
CA SER D 240 -11.42 2.96 -22.64
C SER D 240 -10.11 3.72 -22.76
N ASP D 241 -9.95 4.42 -23.88
CA ASP D 241 -8.76 5.26 -24.11
C ASP D 241 -8.65 6.42 -23.11
N ALA D 242 -9.74 6.73 -22.42
CA ALA D 242 -9.67 7.76 -21.38
C ALA D 242 -8.69 7.34 -20.28
N ALA D 243 -8.52 6.03 -20.10
CA ALA D 243 -7.59 5.45 -19.13
C ALA D 243 -6.21 5.16 -19.71
N SER D 244 -5.82 5.88 -20.76
CA SER D 244 -4.61 5.55 -21.54
C SER D 244 -3.34 5.56 -20.71
N LEU D 245 -3.32 6.33 -19.62
CA LEU D 245 -2.10 6.46 -18.81
C LEU D 245 -2.10 5.47 -17.64
N MET D 246 -3.19 4.73 -17.48
CA MET D 246 -3.33 3.82 -16.35
C MET D 246 -2.98 2.39 -16.73
N THR D 247 -1.95 1.84 -16.07
CA THR D 247 -1.69 0.41 -16.16
C THR D 247 -1.06 -0.08 -14.86
N GLY D 248 -1.41 -1.30 -14.47
CA GLY D 248 -0.97 -1.87 -13.19
C GLY D 248 -1.63 -1.25 -11.97
N ALA D 249 -2.71 -0.50 -12.18
CA ALA D 249 -3.45 0.10 -11.07
C ALA D 249 -4.45 -0.85 -10.46
N ILE D 250 -4.43 -0.94 -9.12
CA ILE D 250 -5.48 -1.59 -8.36
C ILE D 250 -6.40 -0.47 -7.90
N VAL D 251 -7.55 -0.35 -8.56
CA VAL D 251 -8.39 0.81 -8.39
C VAL D 251 -9.43 0.49 -7.31
N ASN D 252 -9.38 1.24 -6.20
CA ASN D 252 -10.33 0.98 -5.10
C ASN D 252 -11.73 1.51 -5.41
N VAL D 253 -12.73 0.63 -5.37
CA VAL D 253 -14.12 1.04 -5.64
C VAL D 253 -14.94 0.53 -4.47
N ASP D 254 -14.74 1.14 -3.31
CA ASP D 254 -15.11 0.43 -2.10
C ASP D 254 -15.91 1.26 -1.08
N ALA D 255 -16.49 2.36 -1.55
CA ALA D 255 -17.34 3.21 -0.68
C ALA D 255 -16.57 3.68 0.58
N GLY D 256 -15.23 3.69 0.47
CA GLY D 256 -14.38 4.13 1.58
C GLY D 256 -13.98 3.02 2.57
N PHE D 257 -14.38 1.78 2.29
CA PHE D 257 -14.13 0.68 3.25
C PHE D 257 -12.66 0.54 3.69
N THR D 258 -11.74 0.64 2.74
CA THR D 258 -10.31 0.49 3.02
C THR D 258 -9.67 1.75 3.58
N VAL D 259 -10.48 2.81 3.75
CA VAL D 259 -9.94 4.07 4.30
C VAL D 259 -9.85 3.98 5.83
N TRP D 260 -10.84 3.36 6.45
CA TRP D 260 -10.78 3.12 7.88
C TRP D 260 -9.87 1.95 8.21
MG MG E . 9.24 0.99 -7.56
CD CD F . 16.38 -31.98 21.22
CD CD G . 28.17 11.38 27.90
MG MG H . -9.19 -0.92 7.59
#